data_4RHY
#
_entry.id   4RHY
#
_cell.length_a   55.179
_cell.length_b   85.525
_cell.length_c   152.727
_cell.angle_alpha   90.00
_cell.angle_beta   90.00
_cell.angle_gamma   90.00
#
_symmetry.space_group_name_H-M   'P 21 21 21'
#
loop_
_entity.id
_entity.type
_entity.pdbx_description
1 polymer 'Hypoxanthine-guanine phosphoribosyltransferase'
2 non-polymer 'MAGNESIUM ION'
3 non-polymer '[2-({2-[bis(2-phosphonoethyl)amino]ethyl}[2-(6-oxo-3,6-dihydro-9H-purin-9-yl)ethyl]amino)ethyl]phosphonic acid'
4 water water
#
_entity_poly.entity_id   1
_entity_poly.type   'polypeptide(L)'
_entity_poly.pdbx_seq_one_letter_code
;HVTQSSSAITPGQTAELYPGDIKSVLLTAEQIQARIAELGEQIGNDYRELSATTGQDLLLITVLKGAVLFVTDLARAIPV
PTQFEFMAVSSYGSSTSSSGVVRILKDLDRDIHGRDVLIVEDVVDSGLTLSWLSRNLTSRNPRSLRVCTLLRKPDAVHAN
VEIAYVGFDIPNDFVVGYGLDYDERYRDLSYIGTLDPRVYQ
;
_entity_poly.pdbx_strand_id   A,B,C,D
#
loop_
_chem_comp.id
_chem_comp.type
_chem_comp.name
_chem_comp.formula
3QG non-polymer '[2-({2-[bis(2-phosphonoethyl)amino]ethyl}[2-(6-oxo-3,6-dihydro-9H-purin-9-yl)ethyl]amino)ethyl]phosphonic acid' 'C15 H29 N6 O10 P3'
MG non-polymer 'MAGNESIUM ION' 'Mg 2'
#
# COMPACT_ATOMS: atom_id res chain seq x y z
N GLU A 16 27.54 8.13 24.17
CA GLU A 16 28.28 8.02 22.93
C GLU A 16 27.52 8.64 21.77
N LEU A 17 26.51 7.92 21.30
CA LEU A 17 25.73 8.32 20.13
C LEU A 17 24.89 9.56 20.40
N TYR A 18 24.14 9.55 21.50
CA TYR A 18 23.29 10.68 21.86
C TYR A 18 23.61 11.19 23.26
N PRO A 19 24.65 12.02 23.39
CA PRO A 19 25.10 12.55 24.69
C PRO A 19 24.09 13.51 25.33
N GLY A 20 23.72 13.24 26.58
CA GLY A 20 22.79 14.09 27.31
C GLY A 20 21.32 13.77 27.11
N ASP A 21 21.04 12.91 26.13
CA ASP A 21 19.66 12.60 25.76
C ASP A 21 19.08 11.47 26.61
N ILE A 22 19.93 10.52 27.00
CA ILE A 22 19.47 9.41 27.83
C ILE A 22 19.68 9.71 29.31
N LYS A 23 18.59 9.81 30.06
CA LYS A 23 18.68 10.07 31.50
C LYS A 23 19.33 8.91 32.22
N SER A 24 18.80 7.70 32.00
CA SER A 24 19.34 6.51 32.63
C SER A 24 19.11 5.28 31.78
N VAL A 25 20.03 4.33 31.88
CA VAL A 25 19.87 3.05 31.20
C VAL A 25 18.83 2.21 31.94
N LEU A 26 17.93 1.59 31.18
CA LEU A 26 16.96 0.69 31.76
C LEU A 26 17.39 -0.76 31.58
N LEU A 27 17.66 -1.14 30.33
CA LEU A 27 18.13 -2.48 30.00
C LEU A 27 19.38 -2.40 29.15
N THR A 28 20.48 -2.96 29.65
CA THR A 28 21.74 -2.98 28.93
C THR A 28 21.65 -3.95 27.76
N ALA A 29 22.61 -3.86 26.84
CA ALA A 29 22.66 -4.73 25.68
C ALA A 29 22.74 -6.20 26.08
N GLU A 30 23.56 -6.51 27.07
CA GLU A 30 23.74 -7.89 27.49
C GLU A 30 22.49 -8.44 28.17
N GLN A 31 21.83 -7.62 28.97
CA GLN A 31 20.59 -8.01 29.62
C GLN A 31 19.57 -8.43 28.57
N ILE A 32 19.47 -7.62 27.53
CA ILE A 32 18.51 -7.85 26.45
C ILE A 32 18.82 -9.13 25.68
N GLN A 33 20.07 -9.30 25.26
CA GLN A 33 20.43 -10.47 24.45
C GLN A 33 20.26 -11.76 25.26
N ALA A 34 20.57 -11.70 26.54
CA ALA A 34 20.43 -12.87 27.41
C ALA A 34 18.97 -13.27 27.55
N ARG A 35 18.09 -12.29 27.75
CA ARG A 35 16.66 -12.55 27.84
C ARG A 35 16.12 -13.15 26.56
N ILE A 36 16.52 -12.58 25.44
CA ILE A 36 16.15 -13.06 24.12
C ILE A 36 16.63 -14.49 23.88
N ALA A 37 17.85 -14.79 24.32
CA ALA A 37 18.35 -16.16 24.28
C ALA A 37 17.42 -17.11 25.04
N GLU A 38 16.98 -16.68 26.23
CA GLU A 38 16.03 -17.46 27.03
C GLU A 38 14.69 -17.61 26.31
N LEU A 39 14.15 -16.49 25.81
CA LEU A 39 12.87 -16.52 25.11
C LEU A 39 12.89 -17.47 23.92
N GLY A 40 13.92 -17.36 23.10
CA GLY A 40 14.11 -18.25 21.97
C GLY A 40 14.05 -19.71 22.36
N GLU A 41 14.72 -20.05 23.46
CA GLU A 41 14.71 -21.43 23.95
C GLU A 41 13.31 -21.86 24.38
N GLN A 42 12.60 -20.99 25.10
CA GLN A 42 11.26 -21.31 25.59
C GLN A 42 10.29 -21.49 24.42
N ILE A 43 10.41 -20.61 23.42
CA ILE A 43 9.57 -20.68 22.24
C ILE A 43 9.91 -21.90 21.40
N GLY A 44 11.20 -22.18 21.27
CA GLY A 44 11.66 -23.35 20.52
C GLY A 44 11.11 -24.64 21.10
N ASN A 45 11.06 -24.73 22.42
CA ASN A 45 10.52 -25.92 23.09
C ASN A 45 9.01 -26.06 22.85
N ASP A 46 8.32 -24.94 22.85
CA ASP A 46 6.88 -24.93 22.68
C ASP A 46 6.45 -25.32 21.27
N TYR A 47 7.30 -25.02 20.29
CA TYR A 47 6.91 -25.17 18.90
C TYR A 47 7.58 -26.34 18.17
N ARG A 48 8.31 -27.17 18.90
CA ARG A 48 8.85 -28.40 18.32
C ARG A 48 7.71 -29.36 18.00
N GLU A 49 7.00 -29.09 16.91
CA GLU A 49 5.84 -29.89 16.51
C GLU A 49 6.26 -31.09 15.66
N GLY A 55 3.73 -29.57 8.40
CA GLY A 55 5.15 -29.42 8.69
C GLY A 55 5.72 -28.10 8.20
N GLN A 56 5.03 -27.01 8.47
CA GLN A 56 5.48 -25.69 8.05
C GLN A 56 6.18 -24.94 9.19
N ASP A 57 7.10 -24.06 8.83
CA ASP A 57 7.90 -23.33 9.81
C ASP A 57 7.07 -22.36 10.63
N LEU A 58 7.54 -22.05 11.83
CA LEU A 58 6.94 -21.03 12.67
C LEU A 58 7.00 -19.69 11.96
N LEU A 59 5.88 -18.98 11.94
CA LEU A 59 5.77 -17.71 11.24
C LEU A 59 5.77 -16.55 12.23
N LEU A 60 6.84 -15.75 12.22
CA LEU A 60 6.93 -14.56 13.05
C LEU A 60 6.34 -13.35 12.34
N ILE A 61 5.31 -12.75 12.92
CA ILE A 61 4.69 -11.57 12.34
C ILE A 61 5.01 -10.33 13.15
N THR A 62 5.54 -9.31 12.48
CA THR A 62 6.06 -8.10 13.13
C THR A 62 5.43 -6.86 12.50
N VAL A 63 5.11 -5.87 13.33
CA VAL A 63 4.69 -4.57 12.83
C VAL A 63 5.86 -3.60 12.84
N LEU A 64 6.16 -3.01 11.69
CA LEU A 64 7.21 -2.03 11.56
C LEU A 64 6.88 -0.80 12.41
N LYS A 65 7.88 -0.10 12.94
CA LYS A 65 9.30 -0.43 12.78
C LYS A 65 9.93 -0.90 14.09
N GLY A 66 9.25 -0.64 15.20
CA GLY A 66 9.85 -0.78 16.51
C GLY A 66 10.38 -2.15 16.87
N ALA A 67 9.75 -3.20 16.33
CA ALA A 67 10.12 -4.56 16.70
C ALA A 67 11.07 -5.21 15.70
N VAL A 68 11.63 -4.42 14.79
CA VAL A 68 12.52 -4.96 13.76
C VAL A 68 13.81 -5.51 14.35
N LEU A 69 14.52 -4.70 15.14
CA LEU A 69 15.71 -5.17 15.83
C LEU A 69 15.42 -6.42 16.65
N PHE A 70 14.34 -6.35 17.42
CA PHE A 70 13.92 -7.45 18.28
C PHE A 70 13.69 -8.74 17.50
N VAL A 71 12.95 -8.66 16.39
CA VAL A 71 12.57 -9.85 15.67
C VAL A 71 13.75 -10.49 14.93
N THR A 72 14.77 -9.71 14.60
CA THR A 72 15.92 -10.30 13.90
C THR A 72 16.80 -11.03 14.89
N ASP A 73 16.85 -10.53 16.13
CA ASP A 73 17.63 -11.20 17.17
C ASP A 73 16.86 -12.42 17.69
N LEU A 74 15.54 -12.29 17.78
CA LEU A 74 14.69 -13.35 18.31
C LEU A 74 14.69 -14.57 17.39
N ALA A 75 14.47 -14.33 16.10
CA ALA A 75 14.48 -15.39 15.10
C ALA A 75 15.75 -16.22 15.12
N ARG A 76 16.88 -15.58 15.41
CA ARG A 76 18.15 -16.30 15.45
C ARG A 76 18.32 -17.04 16.77
N ALA A 77 17.58 -16.64 17.80
CA ALA A 77 17.65 -17.31 19.11
C ALA A 77 16.69 -18.50 19.21
N ILE A 78 15.80 -18.65 18.24
CA ILE A 78 14.81 -19.72 18.24
C ILE A 78 15.31 -20.95 17.48
N PRO A 79 15.52 -22.07 18.21
CA PRO A 79 16.16 -23.28 17.67
C PRO A 79 15.26 -24.13 16.78
N VAL A 80 14.17 -23.56 16.26
CA VAL A 80 13.36 -24.22 15.25
C VAL A 80 13.28 -23.29 14.02
N PRO A 81 12.95 -23.83 12.85
CA PRO A 81 12.88 -22.95 11.67
C PRO A 81 11.80 -21.87 11.79
N THR A 82 12.17 -20.63 11.51
CA THR A 82 11.23 -19.52 11.58
C THR A 82 11.24 -18.67 10.29
N GLN A 83 10.06 -18.27 9.84
CA GLN A 83 9.94 -17.35 8.70
C GLN A 83 9.51 -15.95 9.14
N PHE A 84 9.79 -14.95 8.30
CA PHE A 84 9.46 -13.56 8.60
C PHE A 84 8.29 -13.06 7.78
N GLU A 85 7.38 -12.36 8.44
CA GLU A 85 6.40 -11.55 7.75
C GLU A 85 6.34 -10.20 8.42
N PHE A 86 6.21 -9.15 7.63
CA PHE A 86 6.11 -7.80 8.16
C PHE A 86 4.81 -7.16 7.75
N MET A 87 4.24 -6.39 8.67
CA MET A 87 3.08 -5.58 8.37
C MET A 87 3.45 -4.13 8.61
N ALA A 88 2.84 -3.23 7.85
CA ALA A 88 3.03 -1.80 8.07
C ALA A 88 1.68 -1.15 8.26
N VAL A 89 1.54 -0.40 9.35
CA VAL A 89 0.27 0.24 9.67
C VAL A 89 0.45 1.72 9.96
N SER A 90 -0.68 2.40 10.10
CA SER A 90 -0.69 3.82 10.42
C SER A 90 -2.01 4.12 11.11
N SER A 91 -1.98 5.01 12.10
CA SER A 91 -3.21 5.36 12.80
C SER A 91 -4.01 6.39 12.02
N TYR A 92 -5.33 6.24 12.04
CA TYR A 92 -6.22 7.15 11.33
C TYR A 92 -6.30 8.51 12.03
N VAL A 101 -7.43 0.99 16.12
CA VAL A 101 -7.92 1.60 14.89
C VAL A 101 -6.76 2.09 14.01
N VAL A 102 -6.30 1.22 13.12
CA VAL A 102 -5.15 1.56 12.28
C VAL A 102 -5.38 1.23 10.81
N ARG A 103 -4.74 2.01 9.95
CA ARG A 103 -4.80 1.81 8.52
C ARG A 103 -3.68 0.85 8.09
N ILE A 104 -4.02 -0.15 7.31
CA ILE A 104 -2.97 -1.02 6.77
C ILE A 104 -2.29 -0.36 5.56
N LEU A 105 -0.98 -0.16 5.68
CA LEU A 105 -0.19 0.40 4.60
C LEU A 105 0.47 -0.73 3.81
N LYS A 106 0.93 -1.74 4.52
CA LYS A 106 1.44 -2.95 3.88
C LYS A 106 0.94 -4.19 4.57
N ASP A 107 0.15 -4.98 3.84
CA ASP A 107 -0.43 -6.20 4.36
C ASP A 107 0.59 -7.34 4.32
N LEU A 108 0.26 -8.46 4.94
CA LEU A 108 1.08 -9.67 4.84
C LEU A 108 1.22 -10.10 3.38
N ASP A 109 2.31 -10.80 3.07
CA ASP A 109 2.57 -11.23 1.69
C ASP A 109 1.93 -12.58 1.38
N ARG A 110 1.53 -13.31 2.40
CA ARG A 110 1.03 -14.66 2.20
C ARG A 110 -0.18 -15.01 3.07
N ASP A 111 -0.97 -15.97 2.59
CA ASP A 111 -2.12 -16.47 3.31
C ASP A 111 -1.65 -17.29 4.51
N ILE A 112 -1.92 -16.80 5.71
CA ILE A 112 -1.45 -17.46 6.93
C ILE A 112 -2.41 -18.55 7.38
N HIS A 113 -3.37 -18.90 6.53
CA HIS A 113 -4.30 -19.98 6.83
C HIS A 113 -3.55 -21.26 7.18
N GLY A 114 -3.91 -21.85 8.32
CA GLY A 114 -3.31 -23.10 8.74
C GLY A 114 -1.92 -23.00 9.32
N ARG A 115 -1.41 -21.78 9.42
CA ARG A 115 -0.05 -21.56 9.93
C ARG A 115 -0.01 -21.36 11.45
N ASP A 116 1.07 -21.83 12.06
CA ASP A 116 1.38 -21.49 13.45
C ASP A 116 2.04 -20.12 13.46
N VAL A 117 1.40 -19.17 14.13
CA VAL A 117 1.85 -17.78 14.03
C VAL A 117 2.24 -17.19 15.38
N LEU A 118 3.36 -16.47 15.40
CA LEU A 118 3.77 -15.75 16.59
C LEU A 118 3.87 -14.26 16.31
N ILE A 119 3.01 -13.48 16.96
CA ILE A 119 3.11 -12.02 16.87
C ILE A 119 4.28 -11.52 17.70
N VAL A 120 5.15 -10.75 17.07
CA VAL A 120 6.30 -10.20 17.77
C VAL A 120 6.17 -8.68 17.86
N GLU A 121 6.13 -8.18 19.10
CA GLU A 121 5.96 -6.76 19.35
C GLU A 121 7.14 -6.22 20.16
N ASP A 122 7.39 -4.92 20.04
CA ASP A 122 8.43 -4.29 20.85
C ASP A 122 7.89 -3.96 22.25
N VAL A 123 6.81 -3.18 22.31
CA VAL A 123 6.21 -2.83 23.60
C VAL A 123 4.68 -2.89 23.58
N VAL A 124 4.12 -3.43 24.65
CA VAL A 124 2.67 -3.40 24.82
C VAL A 124 2.33 -2.44 25.94
N ASP A 125 1.73 -1.30 25.57
CA ASP A 125 1.42 -0.23 26.50
C ASP A 125 -0.08 -0.22 26.81
N SER A 126 -0.85 0.51 26.00
CA SER A 126 -2.30 0.52 26.16
C SER A 126 -2.91 -0.81 25.72
N GLY A 127 -2.20 -1.50 24.83
CA GLY A 127 -2.64 -2.80 24.35
C GLY A 127 -3.55 -2.73 23.15
N LEU A 128 -3.88 -1.51 22.72
CA LEU A 128 -4.85 -1.34 21.62
C LEU A 128 -4.32 -1.87 20.29
N THR A 129 -3.03 -1.64 20.01
CA THR A 129 -2.46 -2.11 18.75
C THR A 129 -2.45 -3.63 18.69
N LEU A 130 -2.03 -4.26 19.78
CA LEU A 130 -2.04 -5.72 19.86
C LEU A 130 -3.46 -6.26 19.69
N SER A 131 -4.42 -5.55 20.27
CA SER A 131 -5.82 -5.93 20.19
C SER A 131 -6.29 -5.97 18.74
N TRP A 132 -6.05 -4.88 18.02
CA TRP A 132 -6.40 -4.83 16.61
C TRP A 132 -5.70 -5.94 15.83
N LEU A 133 -4.38 -6.03 15.98
CA LEU A 133 -3.59 -7.01 15.24
C LEU A 133 -4.07 -8.43 15.48
N SER A 134 -4.31 -8.75 16.75
CA SER A 134 -4.79 -10.07 17.15
C SER A 134 -6.10 -10.43 16.42
N ARG A 135 -7.05 -9.50 16.41
CA ARG A 135 -8.32 -9.73 15.75
C ARG A 135 -8.13 -9.88 14.25
N ASN A 136 -7.29 -9.02 13.67
CA ASN A 136 -7.04 -9.05 12.24
C ASN A 136 -6.47 -10.40 11.80
N LEU A 137 -5.52 -10.92 12.55
CA LEU A 137 -4.88 -12.19 12.20
C LEU A 137 -5.79 -13.39 12.44
N THR A 138 -6.58 -13.31 13.52
CA THR A 138 -7.49 -14.38 13.89
C THR A 138 -8.51 -14.71 12.80
N SER A 139 -9.00 -13.68 12.11
CA SER A 139 -10.00 -13.90 11.07
C SER A 139 -9.39 -14.44 9.77
N ARG A 140 -8.06 -14.59 9.75
CA ARG A 140 -7.38 -15.21 8.62
C ARG A 140 -7.20 -16.70 8.90
N ASN A 141 -7.66 -17.13 10.06
CA ASN A 141 -7.68 -18.54 10.45
C ASN A 141 -6.31 -19.22 10.46
N PRO A 142 -5.40 -18.76 11.33
CA PRO A 142 -4.17 -19.54 11.49
C PRO A 142 -4.43 -20.73 12.39
N ARG A 143 -3.57 -21.74 12.34
CA ARG A 143 -3.73 -22.91 13.21
C ARG A 143 -3.59 -22.52 14.68
N SER A 144 -2.60 -21.68 14.97
CA SER A 144 -2.40 -21.17 16.32
C SER A 144 -1.89 -19.74 16.27
N LEU A 145 -2.14 -18.98 17.33
CA LEU A 145 -1.78 -17.57 17.37
C LEU A 145 -1.32 -17.18 18.77
N ARG A 146 -0.04 -16.85 18.91
CA ARG A 146 0.47 -16.38 20.20
C ARG A 146 1.23 -15.07 20.07
N VAL A 147 1.52 -14.46 21.21
CA VAL A 147 2.10 -13.12 21.23
C VAL A 147 3.40 -13.10 22.03
N CYS A 148 4.39 -12.42 21.49
CA CYS A 148 5.65 -12.19 22.18
C CYS A 148 5.96 -10.71 22.13
N THR A 149 6.08 -10.07 23.29
CA THR A 149 6.51 -8.68 23.35
C THR A 149 7.79 -8.56 24.15
N LEU A 150 8.68 -7.67 23.73
CA LEU A 150 9.91 -7.44 24.45
C LEU A 150 9.62 -6.73 25.75
N LEU A 151 8.80 -5.68 25.66
CA LEU A 151 8.48 -4.86 26.81
C LEU A 151 6.98 -4.84 27.07
N ARG A 152 6.61 -4.91 28.34
CA ARG A 152 5.23 -4.71 28.74
C ARG A 152 5.20 -3.61 29.80
N LYS A 153 4.33 -2.63 29.59
CA LYS A 153 4.17 -1.51 30.51
C LYS A 153 2.98 -1.75 31.44
N PRO A 154 2.87 -0.97 32.54
CA PRO A 154 1.82 -1.27 33.53
C PRO A 154 0.40 -1.16 32.97
N ASP A 155 0.17 -0.24 32.02
CA ASP A 155 -1.16 -0.04 31.46
C ASP A 155 -1.70 -1.25 30.71
N ALA A 156 -0.82 -2.18 30.35
CA ALA A 156 -1.23 -3.38 29.62
C ALA A 156 -2.09 -4.32 30.48
N VAL A 157 -2.09 -4.11 31.78
CA VAL A 157 -2.90 -4.94 32.68
C VAL A 157 -4.39 -4.74 32.40
N HIS A 158 -4.73 -3.62 31.76
CA HIS A 158 -6.11 -3.31 31.42
C HIS A 158 -6.51 -3.82 30.04
N ALA A 159 -5.57 -4.46 29.34
CA ALA A 159 -5.85 -5.07 28.04
C ALA A 159 -6.36 -6.49 28.21
N ASN A 160 -6.86 -7.10 27.13
CA ASN A 160 -7.51 -8.40 27.22
C ASN A 160 -6.86 -9.50 26.37
N VAL A 161 -5.82 -9.16 25.63
CA VAL A 161 -5.16 -10.16 24.78
C VAL A 161 -4.01 -10.84 25.51
N GLU A 162 -4.05 -12.17 25.56
CA GLU A 162 -3.05 -12.93 26.31
C GLU A 162 -1.69 -12.89 25.64
N ILE A 163 -0.65 -12.72 26.46
CA ILE A 163 0.71 -12.65 25.96
C ILE A 163 1.54 -13.80 26.52
N ALA A 164 1.85 -14.76 25.66
CA ALA A 164 2.54 -15.97 26.07
C ALA A 164 3.99 -15.70 26.46
N TYR A 165 4.56 -14.65 25.90
CA TYR A 165 5.99 -14.40 26.06
C TYR A 165 6.29 -12.94 26.29
N VAL A 166 6.87 -12.64 27.45
CA VAL A 166 7.21 -11.28 27.84
C VAL A 166 8.70 -11.17 28.15
N GLY A 167 9.39 -10.28 27.45
CA GLY A 167 10.78 -10.01 27.77
C GLY A 167 10.92 -9.43 29.17
N PHE A 168 10.48 -8.19 29.33
CA PHE A 168 10.62 -7.45 30.58
C PHE A 168 9.35 -6.68 30.92
N ASP A 169 8.98 -6.67 32.19
CA ASP A 169 7.96 -5.73 32.66
C ASP A 169 8.67 -4.48 33.17
N ILE A 170 8.22 -3.32 32.72
CA ILE A 170 8.88 -2.05 33.03
C ILE A 170 7.87 -1.04 33.57
N PRO A 171 8.36 0.05 34.19
CA PRO A 171 7.43 1.11 34.61
C PRO A 171 6.91 1.93 33.44
N ASN A 172 6.10 2.95 33.76
CA ASN A 172 5.34 3.70 32.77
C ASN A 172 6.18 4.65 31.93
N ASP A 173 7.37 5.00 32.40
CA ASP A 173 8.18 6.05 31.78
C ASP A 173 8.55 5.77 30.33
N PHE A 174 8.59 6.82 29.52
CA PHE A 174 8.90 6.71 28.12
C PHE A 174 10.35 6.30 27.91
N VAL A 175 10.54 5.18 27.22
CA VAL A 175 11.87 4.68 26.96
C VAL A 175 12.17 4.63 25.46
N VAL A 176 13.46 4.66 25.13
CA VAL A 176 13.91 4.60 23.74
C VAL A 176 15.04 3.59 23.62
N GLY A 177 15.34 3.19 22.39
CA GLY A 177 16.43 2.27 22.15
C GLY A 177 15.92 0.92 21.68
N TYR A 178 16.84 0.13 21.15
CA TYR A 178 16.55 -1.21 20.64
C TYR A 178 15.27 -1.23 19.80
N GLY A 179 15.15 -0.28 18.87
CA GLY A 179 14.01 -0.21 17.98
C GLY A 179 12.97 0.82 18.41
N LEU A 180 12.94 1.13 19.70
CA LEU A 180 12.02 2.14 20.23
C LEU A 180 12.51 3.55 19.93
N ASP A 181 11.61 4.40 19.46
CA ASP A 181 12.00 5.73 19.02
C ASP A 181 11.37 6.88 19.80
N TYR A 182 11.99 8.04 19.70
CA TYR A 182 11.30 9.31 19.90
C TYR A 182 11.48 10.16 18.64
N ASP A 183 10.40 10.33 17.89
CA ASP A 183 10.44 11.04 16.62
C ASP A 183 11.52 10.46 15.70
N GLU A 184 11.44 9.14 15.53
CA GLU A 184 12.30 8.36 14.63
C GLU A 184 13.77 8.22 15.06
N ARG A 185 14.16 8.91 16.13
CA ARG A 185 15.54 8.80 16.60
C ARG A 185 15.66 7.73 17.70
N TYR A 186 16.90 7.35 18.01
CA TYR A 186 17.25 6.42 19.10
C TYR A 186 16.91 4.95 18.84
N ARG A 187 16.35 4.63 17.69
CA ARG A 187 16.04 3.24 17.39
C ARG A 187 17.29 2.35 17.30
N ASP A 188 18.44 2.98 17.02
CA ASP A 188 19.67 2.22 16.73
C ASP A 188 20.48 1.88 17.97
N LEU A 189 20.08 2.44 19.11
CA LEU A 189 20.68 2.10 20.40
C LEU A 189 20.62 0.60 20.66
N SER A 190 21.72 0.04 21.13
CA SER A 190 21.77 -1.39 21.42
C SER A 190 21.17 -1.69 22.79
N TYR A 191 20.95 -0.64 23.57
CA TYR A 191 20.33 -0.76 24.88
C TYR A 191 19.05 0.04 24.95
N ILE A 192 18.29 -0.15 26.01
CA ILE A 192 17.07 0.63 26.22
C ILE A 192 17.26 1.56 27.40
N GLY A 193 16.86 2.82 27.25
CA GLY A 193 17.01 3.78 28.31
C GLY A 193 15.87 4.77 28.38
N THR A 194 15.82 5.51 29.48
CA THR A 194 14.82 6.55 29.67
C THR A 194 15.31 7.83 29.01
N LEU A 195 14.38 8.58 28.45
CA LEU A 195 14.73 9.79 27.72
C LEU A 195 14.78 10.98 28.65
N ASP A 196 15.79 11.83 28.49
CA ASP A 196 15.90 13.04 29.28
C ASP A 196 14.74 13.99 28.95
N PRO A 197 14.11 14.55 30.00
CA PRO A 197 13.02 15.51 29.84
C PRO A 197 13.37 16.71 28.95
N ARG A 198 14.66 16.99 28.80
CA ARG A 198 15.10 18.13 27.99
C ARG A 198 14.79 17.93 26.50
N VAL A 199 14.64 16.68 26.09
CA VAL A 199 14.40 16.35 24.68
C VAL A 199 12.99 16.71 24.24
N TYR A 200 12.01 16.57 25.14
CA TYR A 200 10.63 16.91 24.82
C TYR A 200 10.47 18.41 24.55
N GLU B 16 21.96 -27.77 12.58
CA GLU B 16 21.00 -28.28 13.57
C GLU B 16 19.61 -27.70 13.32
N LEU B 17 19.55 -26.58 12.61
CA LEU B 17 18.27 -25.97 12.24
C LEU B 17 17.61 -26.70 11.08
N TYR B 18 18.31 -26.72 9.94
CA TYR B 18 17.84 -27.43 8.76
C TYR B 18 18.82 -28.56 8.42
N PRO B 19 18.70 -29.70 9.11
CA PRO B 19 19.65 -30.80 8.93
C PRO B 19 19.66 -31.38 7.52
N GLY B 20 20.81 -31.38 6.88
CA GLY B 20 20.96 -31.99 5.57
C GLY B 20 20.72 -31.07 4.39
N ASP B 21 20.21 -29.87 4.66
CA ASP B 21 19.90 -28.92 3.60
C ASP B 21 21.11 -28.08 3.18
N ILE B 22 21.90 -27.68 4.17
CA ILE B 22 23.11 -26.92 3.91
C ILE B 22 24.26 -27.87 3.66
N LYS B 23 24.96 -27.70 2.53
CA LYS B 23 26.07 -28.59 2.22
C LYS B 23 27.38 -28.04 2.76
N SER B 24 27.51 -26.71 2.82
CA SER B 24 28.71 -26.07 3.34
C SER B 24 28.46 -24.64 3.76
N VAL B 25 29.24 -24.17 4.73
CA VAL B 25 29.14 -22.80 5.19
C VAL B 25 30.10 -21.90 4.41
N LEU B 26 29.56 -20.84 3.83
CA LEU B 26 30.36 -19.88 3.08
C LEU B 26 30.90 -18.80 4.02
N LEU B 27 30.01 -18.19 4.80
CA LEU B 27 30.39 -17.17 5.77
C LEU B 27 29.77 -17.46 7.12
N THR B 28 30.59 -17.71 8.14
CA THR B 28 30.09 -18.04 9.47
C THR B 28 29.48 -16.82 10.15
N ALA B 29 28.81 -17.07 11.27
CA ALA B 29 28.20 -16.00 12.06
C ALA B 29 29.25 -15.01 12.59
N GLU B 30 30.34 -15.55 13.11
CA GLU B 30 31.45 -14.73 13.59
C GLU B 30 32.05 -13.86 12.48
N GLN B 31 32.31 -14.48 11.33
CA GLN B 31 32.90 -13.77 10.20
C GLN B 31 32.01 -12.62 9.71
N ILE B 32 30.70 -12.87 9.64
CA ILE B 32 29.75 -11.84 9.23
C ILE B 32 29.75 -10.65 10.19
N GLN B 33 29.71 -10.92 11.49
CA GLN B 33 29.65 -9.85 12.47
C GLN B 33 30.93 -9.02 12.45
N ALA B 34 32.07 -9.68 12.34
CA ALA B 34 33.36 -8.99 12.27
C ALA B 34 33.41 -8.01 11.10
N ARG B 35 32.96 -8.46 9.93
CA ARG B 35 32.94 -7.60 8.76
C ARG B 35 31.98 -6.42 8.94
N ILE B 36 30.80 -6.69 9.47
CA ILE B 36 29.82 -5.65 9.71
C ILE B 36 30.36 -4.59 10.66
N ALA B 37 31.10 -5.05 11.67
CA ALA B 37 31.80 -4.15 12.59
C ALA B 37 32.75 -3.22 11.83
N GLU B 38 33.51 -3.77 10.88
CA GLU B 38 34.41 -2.96 10.04
C GLU B 38 33.61 -1.97 9.19
N LEU B 39 32.58 -2.48 8.52
CA LEU B 39 31.66 -1.64 7.74
C LEU B 39 31.15 -0.44 8.50
N GLY B 40 30.62 -0.68 9.70
CA GLY B 40 30.05 0.36 10.52
C GLY B 40 31.06 1.45 10.82
N GLU B 41 32.26 1.04 11.21
CA GLU B 41 33.32 1.98 11.55
C GLU B 41 33.71 2.81 10.34
N GLN B 42 33.93 2.12 9.21
CA GLN B 42 34.25 2.80 7.95
C GLN B 42 33.16 3.79 7.56
N ILE B 43 31.91 3.34 7.63
CA ILE B 43 30.77 4.20 7.31
C ILE B 43 30.64 5.33 8.33
N GLY B 44 30.84 5.02 9.60
CA GLY B 44 30.80 6.04 10.64
C GLY B 44 31.85 7.11 10.45
N ASN B 45 33.06 6.70 10.07
CA ASN B 45 34.13 7.66 9.83
C ASN B 45 33.81 8.61 8.68
N ASP B 46 33.19 8.06 7.63
CA ASP B 46 32.89 8.85 6.44
C ASP B 46 31.85 9.92 6.70
N TYR B 47 30.86 9.61 7.54
CA TYR B 47 29.71 10.50 7.73
C TYR B 47 29.84 11.43 8.93
N ARG B 48 31.01 11.44 9.57
CA ARG B 48 31.22 12.28 10.73
C ARG B 48 32.22 13.39 10.43
N GLY B 55 22.71 19.25 10.41
CA GLY B 55 22.97 18.25 11.43
C GLY B 55 21.82 17.28 11.60
N GLN B 56 21.62 16.42 10.60
CA GLN B 56 20.54 15.43 10.66
C GLN B 56 21.10 14.02 10.59
N ASP B 57 20.36 13.07 11.15
CA ASP B 57 20.84 11.70 11.26
C ASP B 57 20.95 11.01 9.90
N LEU B 58 21.98 10.17 9.76
CA LEU B 58 22.13 9.32 8.58
C LEU B 58 20.92 8.39 8.44
N LEU B 59 20.40 8.29 7.23
CA LEU B 59 19.25 7.44 6.92
C LEU B 59 19.64 6.16 6.20
N LEU B 60 19.34 5.02 6.83
CA LEU B 60 19.51 3.72 6.19
C LEU B 60 18.20 3.29 5.57
N ILE B 61 18.24 2.99 4.27
CA ILE B 61 17.04 2.57 3.55
C ILE B 61 17.19 1.14 3.05
N THR B 62 16.20 0.32 3.38
CA THR B 62 16.22 -1.11 3.10
C THR B 62 14.97 -1.53 2.34
N VAL B 63 15.10 -2.44 1.39
CA VAL B 63 13.94 -3.04 0.77
C VAL B 63 13.64 -4.36 1.48
N LEU B 64 12.40 -4.55 1.88
CA LEU B 64 12.02 -5.76 2.59
C LEU B 64 12.14 -6.95 1.65
N LYS B 65 12.69 -8.06 2.15
CA LYS B 65 13.07 -8.17 3.56
C LYS B 65 14.39 -8.89 3.76
N GLY B 66 15.07 -9.19 2.66
CA GLY B 66 16.31 -9.94 2.71
C GLY B 66 17.45 -9.24 3.42
N ALA B 67 17.33 -7.93 3.59
CA ALA B 67 18.41 -7.15 4.18
C ALA B 67 18.06 -6.67 5.58
N VAL B 68 16.94 -7.12 6.11
CA VAL B 68 16.48 -6.67 7.43
C VAL B 68 17.46 -7.07 8.54
N LEU B 69 17.90 -8.32 8.56
CA LEU B 69 18.89 -8.75 9.56
C LEU B 69 20.17 -7.92 9.45
N PHE B 70 20.63 -7.73 8.21
CA PHE B 70 21.84 -6.97 7.95
C PHE B 70 21.72 -5.55 8.45
N VAL B 71 20.60 -4.89 8.16
CA VAL B 71 20.45 -3.50 8.51
C VAL B 71 20.34 -3.31 10.03
N THR B 72 19.78 -4.28 10.74
CA THR B 72 19.67 -4.16 12.20
C THR B 72 21.03 -4.31 12.86
N ASP B 73 21.86 -5.18 12.31
CA ASP B 73 23.21 -5.36 12.83
C ASP B 73 24.09 -4.18 12.47
N LEU B 74 23.96 -3.71 11.23
CA LEU B 74 24.82 -2.65 10.71
C LEU B 74 24.57 -1.33 11.44
N ALA B 75 23.29 -1.02 11.63
CA ALA B 75 22.90 0.21 12.33
C ALA B 75 23.51 0.27 13.72
N ARG B 76 23.62 -0.88 14.36
CA ARG B 76 24.21 -0.95 15.68
C ARG B 76 25.74 -0.87 15.61
N ALA B 77 26.30 -1.22 14.47
CA ALA B 77 27.74 -1.19 14.27
C ALA B 77 28.23 0.17 13.78
N ILE B 78 27.31 1.02 13.38
CA ILE B 78 27.66 2.36 12.91
C ILE B 78 27.68 3.34 14.07
N PRO B 79 28.87 3.87 14.41
CA PRO B 79 29.08 4.71 15.59
C PRO B 79 28.63 6.15 15.38
N VAL B 80 27.60 6.35 14.58
CA VAL B 80 26.93 7.63 14.45
C VAL B 80 25.43 7.38 14.48
N PRO B 81 24.64 8.39 14.88
CA PRO B 81 23.18 8.26 14.88
C PRO B 81 22.63 7.88 13.51
N THR B 82 21.88 6.77 13.46
CA THR B 82 21.27 6.30 12.23
C THR B 82 19.77 6.08 12.40
N GLN B 83 19.02 6.24 11.31
CA GLN B 83 17.59 5.98 11.32
C GLN B 83 17.21 4.91 10.31
N PHE B 84 16.07 4.28 10.51
CA PHE B 84 15.59 3.25 9.60
C PHE B 84 14.41 3.75 8.77
N GLU B 85 14.41 3.35 7.51
CA GLU B 85 13.26 3.52 6.64
C GLU B 85 13.14 2.26 5.80
N PHE B 86 11.93 1.73 5.68
CA PHE B 86 11.75 0.51 4.91
C PHE B 86 10.89 0.73 3.69
N MET B 87 11.15 -0.07 2.67
CA MET B 87 10.32 -0.11 1.48
C MET B 87 9.95 -1.54 1.20
N ALA B 88 8.75 -1.74 0.67
CA ALA B 88 8.33 -3.05 0.21
C ALA B 88 7.92 -2.94 -1.24
N VAL B 89 8.48 -3.81 -2.06
CA VAL B 89 8.16 -3.83 -3.47
C VAL B 89 7.76 -5.23 -3.90
N SER B 90 7.32 -5.34 -5.16
CA SER B 90 7.09 -6.64 -5.77
C SER B 90 7.20 -6.49 -7.28
N SER B 91 7.55 -7.58 -7.96
CA SER B 91 7.73 -7.54 -9.40
C SER B 91 6.39 -7.46 -10.12
N TYR B 92 6.29 -6.56 -11.08
CA TYR B 92 5.18 -6.55 -12.02
C TYR B 92 5.18 -7.89 -12.75
N GLY B 93 4.03 -8.55 -12.76
CA GLY B 93 3.89 -9.92 -13.25
C GLY B 93 4.70 -10.31 -14.47
N GLY B 100 13.84 -3.79 -15.67
CA GLY B 100 13.96 -4.01 -14.24
C GLY B 100 13.23 -2.96 -13.41
N VAL B 101 11.91 -2.93 -13.53
CA VAL B 101 11.08 -1.98 -12.79
C VAL B 101 10.15 -2.75 -11.85
N VAL B 102 9.87 -2.18 -10.69
CA VAL B 102 9.09 -2.88 -9.68
C VAL B 102 7.89 -2.06 -9.20
N ARG B 103 6.95 -2.73 -8.54
CA ARG B 103 5.79 -2.07 -7.97
C ARG B 103 6.01 -1.75 -6.50
N ILE B 104 5.88 -0.49 -6.12
CA ILE B 104 6.03 -0.11 -4.72
C ILE B 104 4.77 -0.49 -3.92
N LEU B 105 4.97 -1.34 -2.90
CA LEU B 105 3.88 -1.77 -2.03
C LEU B 105 3.81 -0.92 -0.77
N LYS B 106 4.96 -0.72 -0.15
CA LYS B 106 5.08 0.24 0.93
C LYS B 106 6.17 1.23 0.57
N ASP B 107 5.81 2.51 0.56
CA ASP B 107 6.75 3.57 0.22
C ASP B 107 7.44 4.05 1.50
N LEU B 108 8.43 4.92 1.37
CA LEU B 108 9.10 5.51 2.53
C LEU B 108 8.09 6.27 3.38
N ASP B 109 8.35 6.35 4.69
CA ASP B 109 7.46 7.05 5.60
C ASP B 109 7.72 8.56 5.63
N ARG B 110 8.95 8.94 5.28
CA ARG B 110 9.34 10.34 5.39
C ARG B 110 9.93 10.88 4.08
N ASP B 111 9.91 12.20 3.94
CA ASP B 111 10.56 12.85 2.81
C ASP B 111 12.07 12.85 3.02
N ILE B 112 12.82 12.30 2.06
CA ILE B 112 14.27 12.20 2.21
C ILE B 112 14.97 13.38 1.54
N HIS B 113 14.22 14.46 1.33
CA HIS B 113 14.81 15.69 0.81
C HIS B 113 15.92 16.20 1.70
N GLY B 114 17.09 16.40 1.11
CA GLY B 114 18.23 16.96 1.82
C GLY B 114 18.84 16.04 2.84
N ARG B 115 18.50 14.75 2.78
CA ARG B 115 19.01 13.78 3.74
C ARG B 115 20.18 12.99 3.20
N ASP B 116 21.07 12.57 4.10
CA ASP B 116 22.16 11.67 3.75
C ASP B 116 21.66 10.24 3.82
N VAL B 117 21.55 9.60 2.66
CA VAL B 117 20.91 8.31 2.57
C VAL B 117 21.90 7.21 2.20
N LEU B 118 21.79 6.08 2.90
CA LEU B 118 22.58 4.91 2.59
C LEU B 118 21.65 3.75 2.30
N ILE B 119 21.61 3.32 1.04
CA ILE B 119 20.86 2.14 0.66
C ILE B 119 21.56 0.92 1.21
N VAL B 120 20.80 0.02 1.82
CA VAL B 120 21.37 -1.20 2.37
C VAL B 120 20.75 -2.44 1.73
N GLU B 121 21.59 -3.22 1.06
CA GLU B 121 21.16 -4.42 0.35
C GLU B 121 21.80 -5.69 0.90
N ASP B 122 21.15 -6.82 0.66
CA ASP B 122 21.70 -8.11 1.05
C ASP B 122 22.68 -8.62 -0.02
N VAL B 123 22.22 -8.68 -1.26
CA VAL B 123 23.09 -9.09 -2.34
C VAL B 123 22.81 -8.33 -3.63
N VAL B 124 23.86 -7.82 -4.25
CA VAL B 124 23.75 -7.28 -5.60
C VAL B 124 24.20 -8.34 -6.60
N ASP B 125 23.25 -8.83 -7.40
CA ASP B 125 23.55 -9.85 -8.40
C ASP B 125 23.56 -9.24 -9.81
N SER B 126 22.41 -9.17 -10.45
CA SER B 126 22.31 -8.53 -11.76
C SER B 126 22.45 -7.02 -11.62
N GLY B 127 21.98 -6.50 -10.49
CA GLY B 127 22.06 -5.07 -10.22
C GLY B 127 20.80 -4.33 -10.64
N LEU B 128 19.81 -5.07 -11.15
CA LEU B 128 18.59 -4.46 -11.67
C LEU B 128 17.74 -3.87 -10.55
N THR B 129 17.64 -4.57 -9.43
CA THR B 129 16.89 -4.09 -8.28
C THR B 129 17.46 -2.77 -7.76
N LEU B 130 18.75 -2.80 -7.46
CA LEU B 130 19.46 -1.61 -7.01
C LEU B 130 19.38 -0.49 -8.03
N SER B 131 19.47 -0.84 -9.31
CA SER B 131 19.35 0.13 -10.39
C SER B 131 18.03 0.89 -10.31
N TRP B 132 16.93 0.17 -10.14
CA TRP B 132 15.63 0.81 -9.99
C TRP B 132 15.59 1.68 -8.74
N LEU B 133 15.99 1.10 -7.61
CA LEU B 133 15.92 1.75 -6.31
C LEU B 133 16.70 3.05 -6.28
N SER B 134 17.91 3.01 -6.84
CA SER B 134 18.79 4.17 -6.87
C SER B 134 18.20 5.32 -7.67
N ARG B 135 17.57 4.99 -8.80
CA ARG B 135 16.94 6.00 -9.62
C ARG B 135 15.75 6.62 -8.89
N ASN B 136 14.96 5.78 -8.25
CA ASN B 136 13.79 6.22 -7.52
C ASN B 136 14.14 7.17 -6.37
N LEU B 137 15.21 6.87 -5.65
CA LEU B 137 15.59 7.70 -4.51
C LEU B 137 16.27 8.98 -4.96
N THR B 138 17.01 8.92 -6.07
CA THR B 138 17.66 10.09 -6.63
C THR B 138 16.64 11.20 -6.93
N SER B 139 15.47 10.80 -7.43
CA SER B 139 14.45 11.76 -7.83
C SER B 139 13.73 12.40 -6.66
N ARG B 140 14.06 11.99 -5.44
CA ARG B 140 13.52 12.61 -4.24
C ARG B 140 14.53 13.61 -3.67
N ASN B 141 15.65 13.74 -4.37
CA ASN B 141 16.66 14.76 -4.05
C ASN B 141 17.27 14.68 -2.65
N PRO B 142 17.92 13.56 -2.32
CA PRO B 142 18.65 13.53 -1.05
C PRO B 142 19.94 14.35 -1.15
N ARG B 143 20.51 14.75 -0.03
CA ARG B 143 21.77 15.47 -0.05
C ARG B 143 22.87 14.57 -0.59
N SER B 144 22.84 13.31 -0.20
CA SER B 144 23.80 12.31 -0.67
C SER B 144 23.16 10.92 -0.72
N LEU B 145 23.58 10.13 -1.69
CA LEU B 145 23.04 8.78 -1.86
C LEU B 145 24.19 7.82 -2.07
N ARG B 146 24.29 6.81 -1.21
CA ARG B 146 25.33 5.80 -1.33
C ARG B 146 24.76 4.42 -1.09
N VAL B 147 25.53 3.40 -1.48
CA VAL B 147 25.03 2.03 -1.45
C VAL B 147 25.93 1.16 -0.61
N CYS B 148 25.34 0.47 0.36
CA CYS B 148 26.05 -0.56 1.09
C CYS B 148 25.38 -1.91 0.83
N THR B 149 26.17 -2.88 0.38
CA THR B 149 25.65 -4.24 0.23
C THR B 149 26.54 -5.19 1.01
N LEU B 150 25.93 -6.19 1.64
CA LEU B 150 26.67 -7.18 2.38
C LEU B 150 27.43 -8.10 1.43
N LEU B 151 26.76 -8.46 0.33
CA LEU B 151 27.28 -9.43 -0.62
C LEU B 151 27.22 -8.88 -2.03
N ARG B 152 28.22 -9.21 -2.84
CA ARG B 152 28.17 -8.90 -4.25
C ARG B 152 28.62 -10.09 -5.07
N LYS B 153 27.86 -10.42 -6.10
CA LYS B 153 28.16 -11.53 -6.98
C LYS B 153 28.84 -11.00 -8.26
N PRO B 154 29.52 -11.88 -9.01
CA PRO B 154 30.26 -11.49 -10.21
C PRO B 154 29.49 -10.69 -11.27
N ASP B 155 28.20 -10.97 -11.44
CA ASP B 155 27.43 -10.32 -12.51
C ASP B 155 27.14 -8.85 -12.25
N ALA B 156 27.43 -8.39 -11.04
CA ALA B 156 27.24 -6.99 -10.70
C ALA B 156 28.26 -6.10 -11.43
N VAL B 157 29.19 -6.72 -12.13
CA VAL B 157 30.22 -5.99 -12.88
C VAL B 157 29.61 -5.26 -14.07
N HIS B 158 28.42 -5.68 -14.49
CA HIS B 158 27.73 -5.05 -15.61
C HIS B 158 26.52 -4.22 -15.17
N ALA B 159 26.53 -3.71 -13.95
CA ALA B 159 25.33 -3.11 -13.36
C ALA B 159 25.28 -1.58 -13.44
N ASN B 160 26.40 -0.94 -13.74
CA ASN B 160 26.51 0.53 -13.89
C ASN B 160 26.42 1.33 -12.59
N VAL B 161 25.64 0.87 -11.62
CA VAL B 161 25.42 1.63 -10.40
C VAL B 161 26.51 1.38 -9.35
N GLU B 162 27.10 2.46 -8.83
CA GLU B 162 28.27 2.39 -7.96
C GLU B 162 27.95 2.00 -6.52
N ILE B 163 28.83 1.21 -5.92
CA ILE B 163 28.63 0.68 -4.58
C ILE B 163 29.79 1.07 -3.66
N ALA B 164 29.50 1.91 -2.67
CA ALA B 164 30.54 2.47 -1.83
C ALA B 164 31.03 1.50 -0.77
N TYR B 165 30.19 0.52 -0.42
CA TYR B 165 30.50 -0.41 0.66
C TYR B 165 30.06 -1.82 0.33
N VAL B 166 31.05 -2.72 0.24
CA VAL B 166 30.78 -4.13 -0.01
C VAL B 166 31.32 -4.96 1.15
N GLY B 167 30.47 -5.82 1.71
CA GLY B 167 30.90 -6.70 2.77
C GLY B 167 31.80 -7.80 2.23
N PHE B 168 31.26 -8.60 1.31
CA PHE B 168 31.97 -9.73 0.74
C PHE B 168 31.64 -9.91 -0.75
N ASP B 169 32.67 -10.04 -1.57
CA ASP B 169 32.48 -10.53 -2.92
C ASP B 169 32.44 -12.05 -2.87
N ILE B 170 31.40 -12.65 -3.44
CA ILE B 170 31.17 -14.08 -3.33
C ILE B 170 30.93 -14.69 -4.71
N PRO B 171 31.09 -16.02 -4.84
CA PRO B 171 30.85 -16.65 -6.15
C PRO B 171 29.40 -16.60 -6.58
N ASN B 172 29.12 -16.97 -7.84
CA ASN B 172 27.78 -16.89 -8.41
C ASN B 172 26.81 -17.91 -7.81
N ASP B 173 27.34 -18.81 -6.99
CA ASP B 173 26.56 -19.91 -6.42
C ASP B 173 25.42 -19.43 -5.54
N PHE B 174 24.32 -20.18 -5.55
CA PHE B 174 23.14 -19.84 -4.77
C PHE B 174 23.38 -20.10 -3.29
N VAL B 175 23.19 -19.06 -2.49
CA VAL B 175 23.41 -19.16 -1.06
C VAL B 175 22.18 -18.72 -0.28
N VAL B 176 21.96 -19.33 0.87
CA VAL B 176 20.86 -18.93 1.74
C VAL B 176 21.40 -18.58 3.10
N GLY B 177 20.58 -17.90 3.90
CA GLY B 177 20.94 -17.57 5.27
C GLY B 177 21.12 -16.08 5.47
N TYR B 178 21.06 -15.67 6.74
CA TYR B 178 21.22 -14.27 7.13
C TYR B 178 20.33 -13.33 6.31
N GLY B 179 19.07 -13.70 6.14
CA GLY B 179 18.12 -12.89 5.40
C GLY B 179 17.86 -13.44 4.00
N LEU B 180 18.83 -14.17 3.46
CA LEU B 180 18.67 -14.77 2.14
C LEU B 180 17.79 -16.01 2.22
N ASP B 181 16.86 -16.13 1.29
CA ASP B 181 15.89 -17.19 1.33
C ASP B 181 15.97 -18.13 0.15
N TYR B 182 15.37 -19.31 0.32
CA TYR B 182 14.92 -20.11 -0.81
C TYR B 182 13.46 -20.45 -0.57
N ASP B 183 12.58 -19.81 -1.34
CA ASP B 183 11.14 -19.90 -1.13
C ASP B 183 10.80 -19.61 0.33
N GLU B 184 11.28 -18.47 0.81
CA GLU B 184 11.00 -17.95 2.15
C GLU B 184 11.62 -18.73 3.32
N ARG B 185 12.29 -19.84 3.04
CA ARG B 185 12.96 -20.57 4.12
C ARG B 185 14.40 -20.12 4.28
N TYR B 186 15.02 -20.52 5.39
CA TYR B 186 16.46 -20.32 5.67
C TYR B 186 16.90 -18.87 5.94
N ARG B 187 15.97 -17.92 5.94
CA ARG B 187 16.34 -16.54 6.25
C ARG B 187 16.91 -16.37 7.65
N ASP B 188 16.47 -17.20 8.58
CA ASP B 188 16.80 -17.03 9.99
C ASP B 188 18.19 -17.52 10.38
N LEU B 189 18.86 -18.21 9.47
CA LEU B 189 20.23 -18.70 9.73
C LEU B 189 21.16 -17.55 10.07
N SER B 190 22.00 -17.74 11.08
CA SER B 190 22.94 -16.72 11.49
C SER B 190 24.14 -16.64 10.54
N TYR B 191 24.36 -17.72 9.79
CA TYR B 191 25.46 -17.77 8.82
C TYR B 191 24.90 -17.81 7.41
N ILE B 192 25.78 -17.68 6.43
CA ILE B 192 25.42 -17.85 5.04
C ILE B 192 26.00 -19.17 4.52
N GLY B 193 25.20 -19.93 3.79
CA GLY B 193 25.62 -21.25 3.36
C GLY B 193 25.07 -21.66 2.01
N THR B 194 25.63 -22.74 1.48
CA THR B 194 25.20 -23.28 0.20
C THR B 194 24.19 -24.39 0.41
N LEU B 195 23.08 -24.32 -0.32
CA LEU B 195 22.12 -25.42 -0.34
C LEU B 195 22.62 -26.53 -1.25
N ASP B 196 22.42 -27.77 -0.82
CA ASP B 196 22.73 -28.95 -1.62
C ASP B 196 21.52 -29.18 -2.54
N PRO B 197 21.77 -29.31 -3.87
CA PRO B 197 20.81 -29.57 -4.95
C PRO B 197 19.61 -30.46 -4.60
N ARG B 198 19.61 -31.09 -3.44
CA ARG B 198 18.47 -31.88 -3.00
C ARG B 198 17.28 -30.99 -2.69
N VAL B 199 17.55 -29.73 -2.34
CA VAL B 199 16.51 -28.79 -1.93
C VAL B 199 15.65 -28.31 -3.10
N TYR B 200 16.28 -28.09 -4.25
CA TYR B 200 15.54 -27.63 -5.43
C TYR B 200 14.74 -28.77 -6.04
N GLU C 16 -30.15 21.41 -3.34
CA GLU C 16 -30.87 20.47 -2.50
C GLU C 16 -29.92 19.72 -1.57
N LEU C 17 -28.81 19.23 -2.14
CA LEU C 17 -27.85 18.43 -1.38
C LEU C 17 -27.16 19.20 -0.26
N TYR C 18 -26.57 20.34 -0.61
CA TYR C 18 -25.87 21.15 0.37
C TYR C 18 -26.37 22.59 0.38
N PRO C 19 -27.55 22.81 1.00
CA PRO C 19 -28.15 24.15 1.04
C PRO C 19 -27.35 25.12 1.89
N GLY C 20 -27.06 26.29 1.33
CA GLY C 20 -26.34 27.33 2.06
C GLY C 20 -24.83 27.19 2.01
N ASP C 21 -24.33 26.20 1.28
CA ASP C 21 -22.88 25.98 1.21
C ASP C 21 -22.30 26.42 -0.13
N ILE C 22 -23.06 26.24 -1.21
CA ILE C 22 -22.60 26.65 -2.53
C ILE C 22 -22.97 28.12 -2.78
N LYS C 23 -21.96 28.95 -2.98
CA LYS C 23 -22.19 30.38 -3.20
C LYS C 23 -22.70 30.64 -4.61
N SER C 24 -22.18 29.91 -5.58
CA SER C 24 -22.60 30.07 -6.97
C SER C 24 -22.17 28.88 -7.82
N VAL C 25 -22.82 28.70 -8.95
CA VAL C 25 -22.44 27.65 -9.89
C VAL C 25 -21.44 28.17 -10.92
N LEU C 26 -20.27 27.55 -10.96
CA LEU C 26 -19.24 27.93 -11.94
C LEU C 26 -19.48 27.23 -13.28
N LEU C 27 -19.70 25.93 -13.24
CA LEU C 27 -19.94 25.14 -14.45
C LEU C 27 -21.11 24.19 -14.22
N THR C 28 -22.12 24.27 -15.09
CA THR C 28 -23.28 23.38 -14.97
C THR C 28 -22.90 21.99 -15.45
N ALA C 29 -23.72 21.01 -15.09
CA ALA C 29 -23.51 19.63 -15.50
C ALA C 29 -23.56 19.51 -17.02
N GLU C 30 -24.53 20.19 -17.62
CA GLU C 30 -24.68 20.19 -19.07
C GLU C 30 -23.43 20.73 -19.76
N GLN C 31 -22.81 21.73 -19.16
CA GLN C 31 -21.59 22.31 -19.70
C GLN C 31 -20.40 21.37 -19.53
N ILE C 32 -20.35 20.66 -18.41
CA ILE C 32 -19.26 19.73 -18.14
C ILE C 32 -19.30 18.56 -19.12
N GLN C 33 -20.47 17.93 -19.24
CA GLN C 33 -20.64 16.79 -20.13
C GLN C 33 -20.42 17.18 -21.59
N ALA C 34 -20.77 18.41 -21.94
CA ALA C 34 -20.56 18.90 -23.30
C ALA C 34 -19.08 18.94 -23.64
N ARG C 35 -18.28 19.53 -22.77
CA ARG C 35 -16.85 19.68 -23.01
C ARG C 35 -16.14 18.33 -23.00
N ILE C 36 -16.61 17.42 -22.18
CA ILE C 36 -16.03 16.09 -22.09
C ILE C 36 -16.30 15.31 -23.38
N ALA C 37 -17.45 15.56 -23.98
CA ALA C 37 -17.78 15.00 -25.29
C ALA C 37 -16.75 15.46 -26.34
N GLU C 38 -16.46 16.76 -26.37
CA GLU C 38 -15.47 17.28 -27.32
C GLU C 38 -14.10 16.70 -27.03
N LEU C 39 -13.73 16.69 -25.75
CA LEU C 39 -12.44 16.13 -25.32
C LEU C 39 -12.31 14.68 -25.77
N GLY C 40 -13.36 13.90 -25.55
CA GLY C 40 -13.38 12.50 -25.96
C GLY C 40 -13.05 12.35 -27.43
N GLU C 41 -13.77 13.07 -28.28
CA GLU C 41 -13.54 13.03 -29.72
C GLU C 41 -12.11 13.43 -30.07
N GLN C 42 -11.66 14.54 -29.49
CA GLN C 42 -10.32 15.07 -29.75
C GLN C 42 -9.23 14.07 -29.34
N ILE C 43 -9.42 13.42 -28.20
CA ILE C 43 -8.49 12.41 -27.73
C ILE C 43 -8.57 11.17 -28.62
N GLY C 44 -9.80 10.82 -29.00
CA GLY C 44 -10.04 9.66 -29.83
C GLY C 44 -9.35 9.74 -31.18
N ASN C 45 -9.34 10.94 -31.78
CA ASN C 45 -8.72 11.12 -33.08
C ASN C 45 -7.20 11.10 -33.01
N ASP C 46 -6.64 11.62 -31.92
CA ASP C 46 -5.20 11.65 -31.75
C ASP C 46 -4.63 10.24 -31.59
N TYR C 47 -5.26 9.45 -30.73
CA TYR C 47 -4.75 8.12 -30.43
C TYR C 47 -5.25 7.07 -31.42
N ARG C 48 -6.18 7.46 -32.28
CA ARG C 48 -6.50 6.64 -33.45
C ARG C 48 -5.24 6.55 -34.30
N GLU C 49 -4.46 7.63 -34.26
CA GLU C 49 -3.20 7.73 -34.98
C GLU C 49 -2.01 7.58 -34.02
N THR C 53 -1.78 0.45 -34.54
CA THR C 53 -0.49 -0.05 -34.99
C THR C 53 0.19 -0.88 -33.90
N THR C 54 0.01 -0.46 -32.66
CA THR C 54 0.66 -1.09 -31.51
C THR C 54 -0.12 -2.29 -30.98
N GLY C 55 -1.44 -2.28 -31.16
CA GLY C 55 -2.28 -3.37 -30.71
C GLY C 55 -2.58 -3.33 -29.22
N GLN C 56 -2.18 -2.26 -28.55
CA GLN C 56 -2.48 -2.08 -27.14
C GLN C 56 -3.40 -0.90 -26.93
N ASP C 57 -4.30 -1.02 -25.94
CA ASP C 57 -5.30 0.03 -25.70
C ASP C 57 -4.68 1.28 -25.11
N LEU C 58 -5.42 2.38 -25.18
CA LEU C 58 -5.02 3.61 -24.51
C LEU C 58 -5.17 3.42 -23.00
N LEU C 59 -4.15 3.85 -22.27
CA LEU C 59 -4.11 3.66 -20.82
C LEU C 59 -4.41 4.97 -20.10
N LEU C 60 -5.56 5.03 -19.44
CA LEU C 60 -5.92 6.19 -18.63
C LEU C 60 -5.43 5.99 -17.21
N ILE C 61 -4.68 6.95 -16.70
CA ILE C 61 -4.15 6.87 -15.36
C ILE C 61 -4.68 7.99 -14.48
N THR C 62 -5.35 7.61 -13.41
CA THR C 62 -6.01 8.55 -12.53
C THR C 62 -5.42 8.49 -11.12
N VAL C 63 -5.21 9.66 -10.52
CA VAL C 63 -4.89 9.72 -9.11
C VAL C 63 -6.19 9.90 -8.32
N LEU C 64 -6.51 8.94 -7.46
CA LEU C 64 -7.66 9.04 -6.56
C LEU C 64 -7.56 10.33 -5.73
N LYS C 65 -8.69 10.93 -5.38
CA LYS C 65 -10.03 10.44 -5.70
C LYS C 65 -10.79 11.42 -6.57
N GLY C 66 -10.28 12.64 -6.70
CA GLY C 66 -11.03 13.72 -7.32
C GLY C 66 -11.31 13.57 -8.80
N ALA C 67 -10.47 12.81 -9.50
CA ALA C 67 -10.63 12.64 -10.93
C ALA C 67 -11.41 11.37 -11.26
N VAL C 68 -11.95 10.73 -10.23
CA VAL C 68 -12.67 9.47 -10.43
C VAL C 68 -13.94 9.66 -11.27
N LEU C 69 -14.78 10.63 -10.90
CA LEU C 69 -15.99 10.89 -11.69
C LEU C 69 -15.61 11.25 -13.12
N PHE C 70 -14.66 12.17 -13.26
CA PHE C 70 -14.21 12.65 -14.55
C PHE C 70 -13.73 11.52 -15.46
N VAL C 71 -12.88 10.63 -14.93
CA VAL C 71 -12.28 9.61 -15.79
C VAL C 71 -13.32 8.59 -16.27
N THR C 72 -14.36 8.33 -15.48
CA THR C 72 -15.39 7.37 -15.87
C THR C 72 -16.27 7.96 -16.97
N ASP C 73 -16.37 9.28 -17.02
CA ASP C 73 -17.12 9.94 -18.08
C ASP C 73 -16.25 10.07 -19.32
N LEU C 74 -15.02 10.53 -19.12
CA LEU C 74 -14.08 10.74 -20.21
C LEU C 74 -13.87 9.45 -20.99
N ALA C 75 -13.61 8.35 -20.28
CA ALA C 75 -13.37 7.06 -20.91
C ALA C 75 -14.54 6.64 -21.81
N ARG C 76 -15.76 6.88 -21.35
CA ARG C 76 -16.93 6.54 -22.13
C ARG C 76 -17.13 7.51 -23.30
N ALA C 77 -16.45 8.65 -23.25
CA ALA C 77 -16.56 9.64 -24.31
C ALA C 77 -15.46 9.47 -25.36
N ILE C 78 -14.41 8.76 -25.00
CA ILE C 78 -13.30 8.49 -25.92
C ILE C 78 -13.66 7.30 -26.81
N PRO C 79 -13.78 7.53 -28.13
CA PRO C 79 -14.26 6.54 -29.10
C PRO C 79 -13.24 5.46 -29.49
N VAL C 80 -12.16 5.31 -28.73
CA VAL C 80 -11.24 4.20 -28.92
C VAL C 80 -11.12 3.47 -27.58
N PRO C 81 -10.73 2.18 -27.60
CA PRO C 81 -10.58 1.41 -26.36
C PRO C 81 -9.71 2.14 -25.34
N THR C 82 -10.16 2.11 -24.08
CA THR C 82 -9.41 2.75 -23.01
C THR C 82 -9.29 1.81 -21.81
N GLN C 83 -8.14 1.86 -21.16
CA GLN C 83 -7.87 1.02 -20.01
C GLN C 83 -7.79 1.89 -18.75
N PHE C 84 -8.19 1.33 -17.62
CA PHE C 84 -8.17 2.07 -16.36
C PHE C 84 -7.02 1.64 -15.46
N GLU C 85 -6.25 2.62 -14.99
CA GLU C 85 -5.31 2.38 -13.90
C GLU C 85 -5.48 3.47 -12.84
N PHE C 86 -5.23 3.12 -11.59
CA PHE C 86 -5.42 4.07 -10.51
C PHE C 86 -4.18 4.14 -9.64
N MET C 87 -3.82 5.37 -9.29
CA MET C 87 -2.78 5.61 -8.31
C MET C 87 -3.39 6.30 -7.11
N ALA C 88 -2.95 5.90 -5.92
CA ALA C 88 -3.31 6.60 -4.70
C ALA C 88 -2.03 7.19 -4.12
N VAL C 89 -2.05 8.48 -3.85
CA VAL C 89 -0.89 9.14 -3.29
C VAL C 89 -1.24 9.87 -1.98
N SER C 90 -0.21 10.43 -1.37
CA SER C 90 -0.35 11.17 -0.13
C SER C 90 0.82 12.14 -0.03
N SER C 91 0.68 13.16 0.79
CA SER C 91 1.77 14.12 0.98
C SER C 91 2.54 13.77 2.25
N TYR C 92 3.83 14.10 2.27
CA TYR C 92 4.66 13.84 3.44
C TYR C 92 4.50 14.94 4.49
N SER C 99 9.23 21.81 -5.48
CA SER C 99 9.16 20.42 -5.94
C SER C 99 8.03 19.67 -5.27
N GLY C 100 7.28 18.92 -6.07
CA GLY C 100 6.16 18.16 -5.55
C GLY C 100 6.59 16.86 -4.88
N VAL C 101 6.70 16.87 -3.57
CA VAL C 101 7.11 15.69 -2.82
C VAL C 101 5.91 14.85 -2.41
N VAL C 102 5.79 13.68 -3.02
CA VAL C 102 4.60 12.86 -2.92
C VAL C 102 4.91 11.43 -2.47
N ARG C 103 4.08 10.91 -1.56
CA ARG C 103 4.17 9.53 -1.11
C ARG C 103 3.20 8.65 -1.88
N ILE C 104 3.65 7.48 -2.34
CA ILE C 104 2.76 6.56 -3.02
C ILE C 104 2.09 5.63 -2.03
N LEU C 105 0.76 5.59 -2.07
CA LEU C 105 -0.01 4.69 -1.20
C LEU C 105 -0.50 3.48 -1.96
N LYS C 106 -0.64 3.64 -3.27
CA LYS C 106 -1.01 2.52 -4.13
C LYS C 106 -0.45 2.73 -5.53
N ASP C 107 0.55 1.92 -5.87
CA ASP C 107 1.20 1.98 -7.16
C ASP C 107 0.26 1.44 -8.24
N LEU C 108 0.63 1.70 -9.50
CA LEU C 108 -0.09 1.15 -10.64
C LEU C 108 -0.14 -0.36 -10.56
N ASP C 109 -1.25 -0.93 -11.02
CA ASP C 109 -1.46 -2.36 -10.95
C ASP C 109 -0.63 -3.09 -12.00
N ARG C 110 -0.13 -2.35 -12.98
CA ARG C 110 0.62 -2.96 -14.09
C ARG C 110 1.79 -2.11 -14.57
N ASP C 111 2.72 -2.75 -15.28
CA ASP C 111 3.85 -2.06 -15.90
C ASP C 111 3.36 -1.30 -17.14
N ILE C 112 3.65 -0.01 -17.19
CA ILE C 112 3.22 0.81 -18.31
C ILE C 112 4.32 0.98 -19.36
N HIS C 113 5.39 0.20 -19.25
CA HIS C 113 6.47 0.22 -20.23
C HIS C 113 5.94 0.00 -21.66
N GLY C 114 6.26 0.92 -22.55
CA GLY C 114 5.86 0.80 -23.95
C GLY C 114 4.38 1.00 -24.20
N ARG C 115 3.66 1.47 -23.19
CA ARG C 115 2.24 1.76 -23.33
C ARG C 115 2.02 3.23 -23.68
N ASP C 116 0.96 3.51 -24.41
CA ASP C 116 0.54 4.89 -24.62
C ASP C 116 -0.34 5.31 -23.44
N VAL C 117 0.09 6.33 -22.72
CA VAL C 117 -0.51 6.67 -21.43
C VAL C 117 -1.08 8.08 -21.39
N LEU C 118 -2.31 8.19 -20.91
CA LEU C 118 -2.95 9.48 -20.72
C LEU C 118 -3.22 9.71 -19.24
N ILE C 119 -2.55 10.70 -18.66
CA ILE C 119 -2.82 11.11 -17.29
C ILE C 119 -4.12 11.89 -17.23
N VAL C 120 -5.04 11.43 -16.40
CA VAL C 120 -6.31 12.13 -16.20
C VAL C 120 -6.36 12.79 -14.82
N GLU C 121 -6.45 14.11 -14.81
CA GLU C 121 -6.50 14.90 -13.56
C GLU C 121 -7.79 15.70 -13.44
N ASP C 122 -8.23 15.97 -12.22
CA ASP C 122 -9.41 16.79 -11.98
C ASP C 122 -9.09 18.28 -12.11
N VAL C 123 -8.06 18.72 -11.39
CA VAL C 123 -7.65 20.12 -11.45
C VAL C 123 -6.13 20.24 -11.36
N VAL C 124 -5.58 21.19 -12.12
CA VAL C 124 -4.17 21.53 -12.03
C VAL C 124 -4.04 22.98 -11.51
N ASP C 125 -3.44 23.12 -10.33
CA ASP C 125 -3.37 24.41 -9.65
C ASP C 125 -1.94 24.95 -9.58
N SER C 126 -1.16 24.47 -8.62
CA SER C 126 0.25 24.85 -8.56
C SER C 126 1.03 24.11 -9.64
N GLY C 127 0.54 22.92 -9.99
CA GLY C 127 1.20 22.07 -10.97
C GLY C 127 2.20 21.14 -10.33
N LEU C 128 2.20 21.09 -9.00
CA LEU C 128 3.22 20.35 -8.24
C LEU C 128 2.99 18.84 -8.28
N THR C 129 1.74 18.42 -8.10
CA THR C 129 1.42 17.01 -8.15
C THR C 129 1.72 16.46 -9.53
N LEU C 130 1.30 17.21 -10.54
CA LEU C 130 1.44 16.79 -11.93
C LEU C 130 2.92 16.68 -12.33
N SER C 131 3.74 17.58 -11.80
CA SER C 131 5.17 17.52 -12.06
C SER C 131 5.75 16.23 -11.49
N TRP C 132 5.34 15.91 -10.28
CA TRP C 132 5.78 14.67 -9.65
C TRP C 132 5.29 13.45 -10.41
N LEU C 133 4.04 13.50 -10.87
CA LEU C 133 3.44 12.35 -11.54
C LEU C 133 4.05 12.12 -12.92
N SER C 134 4.26 13.21 -13.65
CA SER C 134 4.80 13.14 -15.00
C SER C 134 6.18 12.51 -14.98
N ARG C 135 7.01 12.96 -14.06
CA ARG C 135 8.37 12.44 -13.95
C ARG C 135 8.37 11.01 -13.41
N ASN C 136 7.50 10.72 -12.45
CA ASN C 136 7.41 9.37 -11.92
C ASN C 136 7.03 8.37 -13.02
N LEU C 137 6.05 8.75 -13.84
CA LEU C 137 5.58 7.88 -14.91
C LEU C 137 6.57 7.83 -16.08
N THR C 138 7.28 8.93 -16.31
CA THR C 138 8.25 8.99 -17.42
C THR C 138 9.35 7.93 -17.28
N SER C 139 9.82 7.72 -16.06
CA SER C 139 10.92 6.80 -15.82
C SER C 139 10.50 5.33 -15.85
N ARG C 140 9.20 5.08 -16.06
CA ARG C 140 8.73 3.72 -16.30
C ARG C 140 8.76 3.43 -17.80
N ASN C 141 9.21 4.43 -18.55
CA ASN C 141 9.39 4.34 -20.00
C ASN C 141 8.13 3.96 -20.77
N PRO C 142 7.10 4.82 -20.73
CA PRO C 142 5.95 4.55 -21.59
C PRO C 142 6.26 4.93 -23.03
N ARG C 143 5.50 4.38 -23.98
CA ARG C 143 5.66 4.74 -25.39
C ARG C 143 5.35 6.22 -25.58
N SER C 144 4.31 6.70 -24.92
CA SER C 144 3.95 8.10 -24.93
C SER C 144 3.23 8.50 -23.64
N LEU C 145 3.29 9.78 -23.31
CA LEU C 145 2.72 10.27 -22.06
C LEU C 145 2.15 11.67 -22.26
N ARG C 146 0.82 11.76 -22.22
CA ARG C 146 0.14 13.05 -22.32
C ARG C 146 -0.77 13.28 -21.12
N VAL C 147 -1.19 14.52 -20.94
CA VAL C 147 -2.00 14.87 -19.79
C VAL C 147 -3.34 15.49 -20.19
N CYS C 148 -4.40 15.05 -19.54
CA CYS C 148 -5.72 15.64 -19.70
C CYS C 148 -6.28 16.04 -18.33
N THR C 149 -6.59 17.32 -18.17
CA THR C 149 -7.22 17.80 -16.94
C THR C 149 -8.54 18.48 -17.26
N LEU C 150 -9.54 18.26 -16.41
CA LEU C 150 -10.83 18.92 -16.58
C LEU C 150 -10.71 20.40 -16.30
N LEU C 151 -10.01 20.73 -15.21
CA LEU C 151 -9.89 22.11 -14.77
C LEU C 151 -8.46 22.57 -14.71
N ARG C 152 -8.21 23.80 -15.15
CA ARG C 152 -6.91 24.43 -14.94
C ARG C 152 -7.08 25.81 -14.29
N LYS C 153 -6.26 26.07 -13.29
CA LYS C 153 -6.24 27.36 -12.59
C LYS C 153 -5.11 28.24 -13.13
N PRO C 154 -5.24 29.58 -12.97
CA PRO C 154 -4.28 30.57 -13.49
C PRO C 154 -2.80 30.23 -13.29
N ASP C 155 -2.44 29.75 -12.10
CA ASP C 155 -1.04 29.54 -11.77
C ASP C 155 -0.42 28.37 -12.54
N ALA C 156 -1.25 27.63 -13.27
CA ALA C 156 -0.81 26.40 -13.92
C ALA C 156 -0.72 26.53 -15.45
N VAL C 157 -1.27 27.62 -15.99
CA VAL C 157 -1.28 27.86 -17.44
C VAL C 157 0.13 27.83 -18.05
N HIS C 158 1.13 28.24 -17.28
CA HIS C 158 2.51 28.23 -17.77
C HIS C 158 3.41 27.35 -16.91
N ALA C 159 2.89 26.20 -16.50
CA ALA C 159 3.67 25.23 -15.73
C ALA C 159 4.62 24.47 -16.66
N ASN C 160 5.65 23.86 -16.10
CA ASN C 160 6.65 23.15 -16.88
C ASN C 160 6.13 21.86 -17.52
N VAL C 161 5.01 21.34 -17.04
CA VAL C 161 4.47 20.13 -17.64
C VAL C 161 3.38 20.47 -18.64
N GLU C 162 3.52 19.93 -19.83
CA GLU C 162 2.65 20.18 -20.97
C GLU C 162 1.33 19.44 -20.86
N ILE C 163 0.22 20.18 -20.90
CA ILE C 163 -1.11 19.57 -20.85
C ILE C 163 -1.79 19.69 -22.21
N ALA C 164 -1.91 18.56 -22.91
CA ALA C 164 -2.48 18.54 -24.25
C ALA C 164 -3.97 18.80 -24.26
N TYR C 165 -4.65 18.42 -23.18
CA TYR C 165 -6.11 18.53 -23.15
C TYR C 165 -6.59 19.26 -21.90
N VAL C 166 -7.22 20.41 -22.10
CA VAL C 166 -7.77 21.19 -21.00
C VAL C 166 -9.28 21.34 -21.21
N GLY C 167 -10.07 20.89 -20.24
CA GLY C 167 -11.50 21.02 -20.30
C GLY C 167 -11.89 22.48 -20.16
N PHE C 168 -11.56 23.06 -19.03
CA PHE C 168 -11.90 24.46 -18.74
C PHE C 168 -10.75 25.22 -18.10
N ASP C 169 -10.58 26.48 -18.49
CA ASP C 169 -9.69 27.38 -17.77
C ASP C 169 -10.51 28.21 -16.80
N ILE C 170 -10.43 27.86 -15.52
CA ILE C 170 -11.23 28.53 -14.50
C ILE C 170 -10.39 29.50 -13.69
N PRO C 171 -11.05 30.46 -13.00
CA PRO C 171 -10.31 31.32 -12.08
C PRO C 171 -9.81 30.58 -10.83
N ASN C 172 -9.13 31.31 -9.96
CA ASN C 172 -8.53 30.75 -8.77
C ASN C 172 -9.52 30.62 -7.62
N ASP C 173 -10.81 30.52 -7.96
CA ASP C 173 -11.83 30.29 -6.95
C ASP C 173 -11.65 28.89 -6.39
N PHE C 174 -11.85 28.73 -5.08
CA PHE C 174 -11.87 27.38 -4.55
C PHE C 174 -13.22 26.75 -4.88
N VAL C 175 -13.20 25.72 -5.72
CA VAL C 175 -14.43 25.13 -6.21
C VAL C 175 -14.59 23.70 -5.74
N VAL C 176 -15.83 23.22 -5.76
CA VAL C 176 -16.14 21.85 -5.37
C VAL C 176 -17.14 21.28 -6.34
N GLY C 177 -17.34 19.96 -6.28
CA GLY C 177 -18.27 19.29 -7.16
C GLY C 177 -17.56 18.47 -8.21
N TYR C 178 -18.29 17.50 -8.77
CA TYR C 178 -17.79 16.63 -9.83
C TYR C 178 -16.43 16.02 -9.49
N GLY C 179 -16.32 15.46 -8.28
CA GLY C 179 -15.07 14.87 -7.82
C GLY C 179 -14.29 15.76 -6.88
N LEU C 180 -14.41 17.08 -7.04
CA LEU C 180 -13.69 18.03 -6.22
C LEU C 180 -14.26 18.11 -4.81
N ASP C 181 -13.38 18.15 -3.81
CA ASP C 181 -13.80 18.03 -2.43
C ASP C 181 -13.42 19.22 -1.56
N TYR C 182 -14.16 19.37 -0.46
CA TYR C 182 -13.64 20.02 0.72
C TYR C 182 -13.94 19.14 1.92
N ASP C 183 -12.88 18.68 2.58
CA ASP C 183 -13.00 17.74 3.70
C ASP C 183 -13.85 16.54 3.33
N GLU C 184 -13.59 16.00 2.13
CA GLU C 184 -14.22 14.80 1.59
C GLU C 184 -15.70 14.97 1.28
N ARG C 185 -16.18 16.22 1.31
CA ARG C 185 -17.57 16.48 0.97
C ARG C 185 -17.67 17.11 -0.42
N TYR C 186 -18.87 17.07 -0.99
CA TYR C 186 -19.24 17.74 -2.25
C TYR C 186 -18.76 17.04 -3.53
N ARG C 187 -18.02 15.93 -3.40
CA ARG C 187 -17.53 15.22 -4.58
C ARG C 187 -18.68 14.75 -5.48
N ASP C 188 -19.82 14.45 -4.88
CA ASP C 188 -20.94 13.81 -5.57
C ASP C 188 -21.81 14.76 -6.38
N LEU C 189 -21.51 16.06 -6.34
CA LEU C 189 -22.27 17.03 -7.13
C LEU C 189 -22.05 16.80 -8.62
N SER C 190 -23.05 17.13 -9.43
CA SER C 190 -22.97 16.95 -10.87
C SER C 190 -22.41 18.19 -11.54
N TYR C 191 -22.39 19.29 -10.79
CA TYR C 191 -21.88 20.55 -11.31
C TYR C 191 -20.66 20.98 -10.51
N ILE C 192 -20.01 22.05 -10.96
CA ILE C 192 -18.87 22.60 -10.23
C ILE C 192 -19.26 23.96 -9.68
N GLY C 193 -19.25 24.07 -8.36
CA GLY C 193 -19.73 25.28 -7.71
C GLY C 193 -18.67 25.91 -6.83
N THR C 194 -18.74 27.22 -6.67
CA THR C 194 -17.86 27.91 -5.73
C THR C 194 -18.41 27.68 -4.32
N LEU C 195 -17.51 27.33 -3.42
CA LEU C 195 -17.86 27.04 -2.04
C LEU C 195 -17.81 28.30 -1.18
N ASP C 196 -18.78 28.45 -0.29
CA ASP C 196 -18.83 29.61 0.59
C ASP C 196 -17.65 29.60 1.58
N PRO C 197 -17.02 30.77 1.77
CA PRO C 197 -15.89 30.92 2.69
C PRO C 197 -16.17 30.45 4.12
N ARG C 198 -17.43 30.53 4.55
CA ARG C 198 -17.80 30.11 5.90
C ARG C 198 -17.45 28.64 6.13
N VAL C 199 -17.72 27.81 5.13
CA VAL C 199 -17.49 26.37 5.22
C VAL C 199 -16.03 26.01 5.49
N TYR C 200 -15.10 26.62 4.75
CA TYR C 200 -13.70 26.21 4.88
C TYR C 200 -12.84 27.16 5.71
N GLN C 201 -13.48 27.95 6.56
CA GLN C 201 -12.74 28.78 7.53
C GLN C 201 -13.48 28.85 8.86
N LEU D 17 -16.05 -0.14 -30.87
CA LEU D 17 -14.85 -0.27 -30.03
C LEU D 17 -14.22 -1.65 -30.17
N TYR D 18 -15.00 -2.69 -29.91
CA TYR D 18 -14.48 -4.06 -29.94
C TYR D 18 -15.25 -4.93 -30.93
N PRO D 19 -14.94 -4.78 -32.23
CA PRO D 19 -15.64 -5.55 -33.25
C PRO D 19 -15.30 -7.04 -33.20
N GLY D 20 -16.32 -7.89 -33.10
CA GLY D 20 -16.13 -9.32 -33.08
C GLY D 20 -15.81 -9.90 -31.71
N ASP D 21 -15.90 -9.07 -30.68
CA ASP D 21 -15.60 -9.51 -29.32
C ASP D 21 -16.86 -9.70 -28.49
N ILE D 22 -17.86 -8.84 -28.70
CA ILE D 22 -19.10 -8.92 -27.96
C ILE D 22 -20.13 -9.77 -28.70
N LYS D 23 -20.47 -10.91 -28.11
CA LYS D 23 -21.40 -11.84 -28.75
C LYS D 23 -22.83 -11.29 -28.74
N SER D 24 -23.19 -10.61 -27.67
CA SER D 24 -24.54 -10.04 -27.56
C SER D 24 -24.61 -8.98 -26.46
N VAL D 25 -25.70 -8.21 -26.45
CA VAL D 25 -25.91 -7.20 -25.42
C VAL D 25 -26.91 -7.70 -24.38
N LEU D 26 -26.43 -7.87 -23.15
CA LEU D 26 -27.29 -8.34 -22.06
C LEU D 26 -28.08 -7.19 -21.46
N LEU D 27 -27.40 -6.09 -21.16
CA LEU D 27 -28.02 -4.92 -20.55
C LEU D 27 -27.62 -3.65 -21.28
N THR D 28 -28.59 -2.99 -21.89
CA THR D 28 -28.33 -1.74 -22.60
C THR D 28 -27.93 -0.65 -21.61
N ALA D 29 -27.26 0.37 -22.14
CA ALA D 29 -26.85 1.51 -21.31
C ALA D 29 -28.07 2.20 -20.70
N GLU D 30 -29.12 2.34 -21.50
CA GLU D 30 -30.35 2.98 -21.05
C GLU D 30 -31.01 2.20 -19.90
N GLN D 31 -30.96 0.86 -19.99
CA GLN D 31 -31.45 0.01 -18.92
C GLN D 31 -30.66 0.21 -17.62
N ILE D 32 -29.34 0.22 -17.77
CA ILE D 32 -28.45 0.42 -16.63
C ILE D 32 -28.74 1.74 -15.93
N GLN D 33 -28.76 2.84 -16.68
CA GLN D 33 -28.98 4.15 -16.09
C GLN D 33 -30.36 4.28 -15.48
N ALA D 34 -31.34 3.57 -16.05
CA ALA D 34 -32.69 3.56 -15.51
C ALA D 34 -32.74 2.88 -14.15
N ARG D 35 -32.05 1.74 -14.04
CA ARG D 35 -32.06 0.98 -12.80
C ARG D 35 -31.34 1.71 -11.68
N ILE D 36 -30.24 2.36 -12.04
CA ILE D 36 -29.45 3.13 -11.08
C ILE D 36 -30.28 4.28 -10.52
N ALA D 37 -31.09 4.89 -11.38
CA ALA D 37 -31.98 5.96 -10.96
C ALA D 37 -32.93 5.49 -9.85
N GLU D 38 -33.51 4.31 -10.03
CA GLU D 38 -34.41 3.75 -9.02
C GLU D 38 -33.64 3.31 -7.77
N LEU D 39 -32.49 2.67 -7.95
CA LEU D 39 -31.62 2.34 -6.83
C LEU D 39 -31.26 3.62 -6.08
N GLY D 40 -30.89 4.65 -6.84
CA GLY D 40 -30.51 5.93 -6.26
C GLY D 40 -31.59 6.49 -5.35
N GLU D 41 -32.83 6.48 -5.82
CA GLU D 41 -33.95 7.02 -5.05
C GLU D 41 -34.25 6.13 -3.83
N GLN D 42 -34.27 4.81 -4.05
CA GLN D 42 -34.55 3.86 -2.99
C GLN D 42 -33.54 3.96 -1.85
N ILE D 43 -32.26 4.06 -2.20
CA ILE D 43 -31.21 4.26 -1.22
C ILE D 43 -31.41 5.60 -0.52
N GLY D 44 -31.73 6.61 -1.31
CA GLY D 44 -31.97 7.95 -0.79
C GLY D 44 -33.08 7.96 0.25
N ASN D 45 -34.15 7.22 -0.01
CA ASN D 45 -35.26 7.12 0.92
C ASN D 45 -34.85 6.44 2.23
N ASP D 46 -34.18 5.30 2.12
CA ASP D 46 -33.80 4.51 3.29
C ASP D 46 -32.82 5.22 4.21
N TYR D 47 -32.02 6.12 3.65
CA TYR D 47 -31.01 6.81 4.45
C TYR D 47 -31.39 8.24 4.83
N ARG D 48 -32.58 8.65 4.40
CA ARG D 48 -33.09 9.98 4.74
C ARG D 48 -33.75 9.96 6.11
N ALA D 52 -30.09 10.65 9.20
CA ALA D 52 -30.69 11.94 9.53
C ALA D 52 -30.17 12.48 10.85
N THR D 53 -30.30 11.68 11.90
CA THR D 53 -29.87 12.07 13.25
C THR D 53 -28.38 12.33 13.36
N THR D 54 -27.60 11.57 12.59
CA THR D 54 -26.14 11.56 12.72
C THR D 54 -25.46 12.86 12.31
N GLY D 55 -25.90 13.44 11.19
CA GLY D 55 -25.27 14.64 10.68
C GLY D 55 -24.05 14.32 9.85
N GLN D 56 -23.81 13.03 9.61
CA GLN D 56 -22.71 12.60 8.77
C GLN D 56 -23.23 11.99 7.47
N ASP D 57 -22.49 12.20 6.39
CA ASP D 57 -22.93 11.78 5.06
C ASP D 57 -22.88 10.26 4.91
N LEU D 58 -23.65 9.75 3.95
CA LEU D 58 -23.59 8.34 3.61
C LEU D 58 -22.23 8.03 2.99
N LEU D 59 -21.66 6.89 3.37
CA LEU D 59 -20.32 6.53 2.95
C LEU D 59 -20.32 5.36 1.97
N LEU D 60 -20.00 5.65 0.71
CA LEU D 60 -19.93 4.62 -0.33
C LEU D 60 -18.54 4.01 -0.39
N ILE D 61 -18.45 2.71 -0.17
CA ILE D 61 -17.17 2.02 -0.20
C ILE D 61 -17.07 1.11 -1.43
N THR D 62 -16.10 1.42 -2.29
CA THR D 62 -15.88 0.72 -3.54
C THR D 62 -14.57 -0.07 -3.52
N VAL D 63 -14.60 -1.29 -4.04
CA VAL D 63 -13.36 -2.01 -4.28
C VAL D 63 -12.96 -1.82 -5.75
N LEU D 64 -11.78 -1.25 -5.96
CA LEU D 64 -11.24 -1.03 -7.30
C LEU D 64 -11.12 -2.35 -8.07
N LYS D 65 -11.41 -2.34 -9.36
CA LYS D 65 -11.82 -1.12 -10.06
C LYS D 65 -13.08 -1.35 -10.89
N GLY D 66 -13.64 -2.55 -10.79
CA GLY D 66 -14.81 -2.91 -11.58
C GLY D 66 -16.08 -2.18 -11.19
N ALA D 67 -16.14 -1.68 -9.95
CA ALA D 67 -17.33 -0.98 -9.50
C ALA D 67 -17.17 0.54 -9.60
N VAL D 68 -16.08 0.99 -10.23
CA VAL D 68 -15.79 2.42 -10.29
C VAL D 68 -16.78 3.20 -11.16
N LEU D 69 -17.09 2.68 -12.35
CA LEU D 69 -18.08 3.32 -13.21
C LEU D 69 -19.44 3.36 -12.51
N PHE D 70 -19.80 2.22 -11.92
CA PHE D 70 -21.07 2.09 -11.22
C PHE D 70 -21.20 3.09 -10.06
N VAL D 71 -20.18 3.20 -9.21
CA VAL D 71 -20.30 4.06 -8.03
C VAL D 71 -20.42 5.55 -8.39
N THR D 72 -19.74 5.99 -9.44
CA THR D 72 -19.82 7.40 -9.84
C THR D 72 -21.23 7.75 -10.33
N ASP D 73 -21.88 6.77 -10.96
CA ASP D 73 -23.25 6.97 -11.43
C ASP D 73 -24.26 6.86 -10.29
N LEU D 74 -24.06 5.87 -9.42
CA LEU D 74 -24.95 5.65 -8.30
C LEU D 74 -24.95 6.86 -7.37
N ALA D 75 -23.75 7.34 -7.07
CA ALA D 75 -23.57 8.49 -6.19
C ALA D 75 -24.37 9.72 -6.66
N ARG D 76 -24.38 9.94 -7.97
CA ARG D 76 -25.12 11.07 -8.52
C ARG D 76 -26.62 10.79 -8.61
N ALA D 77 -26.99 9.53 -8.44
CA ALA D 77 -28.40 9.13 -8.48
C ALA D 77 -29.01 9.05 -7.08
N ILE D 78 -28.15 9.08 -6.06
CA ILE D 78 -28.60 9.09 -4.67
C ILE D 78 -28.79 10.52 -4.18
N PRO D 79 -30.04 10.89 -3.85
CA PRO D 79 -30.41 12.28 -3.56
C PRO D 79 -30.03 12.78 -2.15
N VAL D 80 -29.08 12.12 -1.50
CA VAL D 80 -28.52 12.62 -0.24
C VAL D 80 -27.01 12.73 -0.39
N PRO D 81 -26.36 13.57 0.43
CA PRO D 81 -24.89 13.69 0.37
C PRO D 81 -24.20 12.33 0.53
N THR D 82 -23.20 12.08 -0.31
CA THR D 82 -22.46 10.83 -0.26
C THR D 82 -20.96 11.05 -0.39
N GLN D 83 -20.20 10.38 0.46
CA GLN D 83 -18.74 10.43 0.36
C GLN D 83 -18.22 9.17 -0.33
N PHE D 84 -17.06 9.31 -0.95
CA PHE D 84 -16.40 8.19 -1.62
C PHE D 84 -15.24 7.65 -0.80
N GLU D 85 -15.14 6.33 -0.73
CA GLU D 85 -13.95 5.68 -0.19
C GLU D 85 -13.59 4.48 -1.08
N PHE D 86 -12.29 4.24 -1.24
CA PHE D 86 -11.83 3.19 -2.14
C PHE D 86 -10.91 2.20 -1.44
N MET D 87 -11.11 0.93 -1.73
CA MET D 87 -10.22 -0.11 -1.28
C MET D 87 -9.59 -0.79 -2.49
N ALA D 88 -8.31 -1.13 -2.37
CA ALA D 88 -7.63 -1.90 -3.41
C ALA D 88 -7.17 -3.22 -2.81
N VAL D 89 -7.57 -4.32 -3.43
CA VAL D 89 -7.24 -5.64 -2.91
C VAL D 89 -6.61 -6.54 -3.95
N SER D 90 -6.02 -7.64 -3.47
CA SER D 90 -5.46 -8.67 -4.32
C SER D 90 -5.71 -10.02 -3.64
N SER D 91 -5.74 -11.09 -4.42
CA SER D 91 -5.94 -12.41 -3.84
C SER D 91 -4.61 -13.07 -3.51
N TYR D 92 -4.59 -13.88 -2.46
CA TYR D 92 -3.45 -14.73 -2.16
C TYR D 92 -3.54 -16.00 -3.00
N GLY D 93 -4.76 -16.34 -3.41
CA GLY D 93 -5.03 -17.57 -4.10
C GLY D 93 -6.16 -18.31 -3.41
N SER D 94 -7.21 -18.64 -4.17
CA SER D 94 -8.43 -19.24 -3.65
C SER D 94 -9.07 -18.35 -2.59
N SER D 99 -15.81 -16.83 2.84
CA SER D 99 -15.06 -15.61 2.53
C SER D 99 -13.75 -15.92 1.83
N GLY D 100 -13.52 -15.27 0.69
CA GLY D 100 -12.27 -15.42 -0.04
C GLY D 100 -11.10 -14.86 0.74
N VAL D 101 -9.93 -15.44 0.57
CA VAL D 101 -8.75 -14.95 1.26
C VAL D 101 -8.15 -13.79 0.46
N VAL D 102 -8.06 -12.63 1.11
CA VAL D 102 -7.84 -11.38 0.40
C VAL D 102 -6.73 -10.53 1.02
N ARG D 103 -5.88 -9.99 0.16
CA ARG D 103 -4.77 -9.15 0.56
C ARG D 103 -5.10 -7.69 0.30
N ILE D 104 -4.84 -6.82 1.27
CA ILE D 104 -5.14 -5.40 1.11
C ILE D 104 -3.98 -4.62 0.52
N LEU D 105 -4.20 -4.02 -0.64
CA LEU D 105 -3.17 -3.23 -1.32
C LEU D 105 -3.32 -1.75 -0.97
N LYS D 106 -4.56 -1.32 -0.79
CA LYS D 106 -4.81 0.03 -0.31
C LYS D 106 -6.03 0.05 0.60
N ASP D 107 -5.80 0.38 1.87
CA ASP D 107 -6.86 0.42 2.86
C ASP D 107 -7.66 1.71 2.70
N LEU D 108 -8.81 1.78 3.37
CA LEU D 108 -9.62 2.98 3.44
C LEU D 108 -8.78 4.19 3.88
N ASP D 109 -9.16 5.35 3.37
CA ASP D 109 -8.45 6.58 3.69
C ASP D 109 -8.84 7.09 5.08
N ARG D 110 -10.00 6.67 5.57
CA ARG D 110 -10.51 7.16 6.84
C ARG D 110 -11.13 6.08 7.71
N ASP D 111 -11.32 6.40 8.99
CA ASP D 111 -11.96 5.48 9.93
C ASP D 111 -13.47 5.52 9.75
N ILE D 112 -14.08 4.36 9.55
CA ILE D 112 -15.51 4.30 9.31
C ILE D 112 -16.30 3.98 10.60
N HIS D 113 -15.62 4.04 11.73
CA HIS D 113 -16.26 3.84 13.03
C HIS D 113 -17.43 4.81 13.20
N GLY D 114 -18.62 4.26 13.43
CA GLY D 114 -19.80 5.07 13.67
C GLY D 114 -20.37 5.74 12.42
N ARG D 115 -19.86 5.35 11.26
CA ARG D 115 -20.36 5.89 9.99
C ARG D 115 -21.41 4.97 9.38
N ASP D 116 -22.32 5.54 8.60
CA ASP D 116 -23.27 4.74 7.84
C ASP D 116 -22.65 4.36 6.49
N VAL D 117 -22.41 3.07 6.31
CA VAL D 117 -21.60 2.58 5.22
C VAL D 117 -22.36 1.72 4.21
N LEU D 118 -22.22 2.06 2.93
CA LEU D 118 -22.77 1.23 1.86
C LEU D 118 -21.66 0.65 0.98
N ILE D 119 -21.55 -0.67 0.97
CA ILE D 119 -20.63 -1.34 0.06
C ILE D 119 -21.23 -1.35 -1.34
N VAL D 120 -20.44 -0.94 -2.33
CA VAL D 120 -20.91 -0.88 -3.71
C VAL D 120 -20.09 -1.83 -4.59
N GLU D 121 -20.71 -2.93 -5.01
CA GLU D 121 -20.05 -3.92 -5.85
C GLU D 121 -20.58 -3.94 -7.28
N ASP D 122 -19.69 -4.29 -8.22
CA ASP D 122 -20.07 -4.44 -9.63
C ASP D 122 -20.89 -5.70 -9.83
N VAL D 123 -20.33 -6.83 -9.44
CA VAL D 123 -21.03 -8.11 -9.54
C VAL D 123 -20.72 -8.97 -8.31
N VAL D 124 -21.72 -9.73 -7.89
CA VAL D 124 -21.55 -10.75 -6.86
C VAL D 124 -21.78 -12.12 -7.50
N ASP D 125 -20.77 -12.98 -7.44
CA ASP D 125 -20.80 -14.28 -8.11
C ASP D 125 -20.73 -15.42 -7.10
N SER D 126 -19.51 -15.75 -6.66
CA SER D 126 -19.33 -16.75 -5.63
C SER D 126 -19.78 -16.21 -4.27
N GLY D 127 -19.51 -14.92 -4.05
CA GLY D 127 -19.85 -14.26 -2.81
C GLY D 127 -18.65 -14.18 -1.87
N LEU D 128 -17.51 -14.71 -2.31
CA LEU D 128 -16.33 -14.79 -1.46
C LEU D 128 -15.74 -13.42 -1.14
N THR D 129 -15.65 -12.56 -2.14
CA THR D 129 -15.06 -11.23 -1.96
C THR D 129 -15.90 -10.42 -0.99
N LEU D 130 -17.20 -10.37 -1.26
CA LEU D 130 -18.14 -9.62 -0.44
C LEU D 130 -18.16 -10.15 0.99
N SER D 131 -18.08 -11.47 1.11
CA SER D 131 -18.06 -12.12 2.42
C SER D 131 -16.83 -11.65 3.21
N TRP D 132 -15.68 -11.62 2.55
CA TRP D 132 -14.47 -11.13 3.20
C TRP D 132 -14.59 -9.65 3.54
N LEU D 133 -15.18 -8.89 2.62
CA LEU D 133 -15.26 -7.44 2.78
C LEU D 133 -16.21 -7.07 3.92
N SER D 134 -17.34 -7.77 3.99
CA SER D 134 -18.34 -7.50 5.01
C SER D 134 -17.74 -7.71 6.41
N ARG D 135 -17.03 -8.83 6.58
CA ARG D 135 -16.35 -9.10 7.84
C ARG D 135 -15.25 -8.08 8.16
N ASN D 136 -14.41 -7.77 7.17
CA ASN D 136 -13.33 -6.81 7.39
C ASN D 136 -13.88 -5.47 7.84
N LEU D 137 -14.91 -4.99 7.15
CA LEU D 137 -15.51 -3.70 7.49
C LEU D 137 -16.30 -3.74 8.80
N THR D 138 -16.93 -4.87 9.11
CA THR D 138 -17.75 -5.00 10.32
C THR D 138 -16.95 -4.76 11.58
N SER D 139 -15.76 -5.36 11.65
CA SER D 139 -14.90 -5.25 12.82
C SER D 139 -14.30 -3.84 12.99
N ARG D 140 -14.62 -2.94 12.08
CA ARG D 140 -14.21 -1.55 12.20
C ARG D 140 -15.34 -0.77 12.88
N ASN D 141 -16.42 -1.50 13.15
CA ASN D 141 -17.59 -0.98 13.88
C ASN D 141 -18.23 0.27 13.29
N PRO D 142 -18.78 0.15 12.07
CA PRO D 142 -19.59 1.25 11.55
C PRO D 142 -20.96 1.24 12.19
N ARG D 143 -21.66 2.37 12.18
CA ARG D 143 -23.01 2.43 12.72
C ARG D 143 -23.93 1.48 11.96
N SER D 144 -23.77 1.43 10.65
CA SER D 144 -24.54 0.51 9.82
C SER D 144 -23.77 0.11 8.56
N LEU D 145 -24.07 -1.10 8.07
CA LEU D 145 -23.37 -1.67 6.94
C LEU D 145 -24.38 -2.35 6.02
N ARG D 146 -24.51 -1.83 4.81
CA ARG D 146 -25.39 -2.43 3.82
C ARG D 146 -24.64 -2.65 2.50
N VAL D 147 -25.26 -3.41 1.60
CA VAL D 147 -24.60 -3.77 0.36
C VAL D 147 -25.45 -3.43 -0.86
N CYS D 148 -24.83 -2.80 -1.85
CA CYS D 148 -25.45 -2.56 -3.14
C CYS D 148 -24.60 -3.15 -4.26
N THR D 149 -25.19 -4.01 -5.09
CA THR D 149 -24.47 -4.54 -6.23
C THR D 149 -25.28 -4.32 -7.51
N LEU D 150 -24.61 -3.87 -8.56
CA LEU D 150 -25.26 -3.71 -9.85
C LEU D 150 -25.72 -5.06 -10.39
N LEU D 151 -24.86 -6.07 -10.28
CA LEU D 151 -25.16 -7.38 -10.83
C LEU D 151 -25.07 -8.48 -9.78
N ARG D 152 -26.00 -9.43 -9.85
CA ARG D 152 -25.92 -10.62 -9.03
C ARG D 152 -26.18 -11.88 -9.87
N LYS D 153 -25.26 -12.82 -9.77
CA LYS D 153 -25.31 -14.04 -10.55
C LYS D 153 -25.99 -15.15 -9.74
N PRO D 154 -26.47 -16.22 -10.40
CA PRO D 154 -27.28 -17.23 -9.72
C PRO D 154 -26.66 -17.83 -8.45
N ASP D 155 -25.35 -18.09 -8.45
CA ASP D 155 -24.70 -18.69 -7.29
C ASP D 155 -24.64 -17.75 -6.09
N ALA D 156 -24.87 -16.46 -6.34
CA ALA D 156 -24.80 -15.44 -5.30
C ALA D 156 -26.14 -15.28 -4.59
N VAL D 157 -27.22 -15.63 -5.28
CA VAL D 157 -28.53 -15.69 -4.65
C VAL D 157 -28.46 -16.73 -3.53
N HIS D 158 -29.09 -16.43 -2.41
CA HIS D 158 -29.04 -17.27 -1.21
C HIS D 158 -27.62 -17.38 -0.65
N ALA D 159 -26.99 -16.23 -0.39
CA ALA D 159 -25.65 -16.18 0.18
C ALA D 159 -25.69 -15.71 1.63
N ASN D 160 -24.57 -15.84 2.33
CA ASN D 160 -24.50 -15.54 3.76
C ASN D 160 -24.46 -14.05 4.07
N VAL D 161 -24.09 -13.24 3.09
CA VAL D 161 -24.12 -11.80 3.28
C VAL D 161 -25.39 -11.23 2.65
N GLU D 162 -26.09 -10.39 3.41
CA GLU D 162 -27.32 -9.78 2.93
C GLU D 162 -27.01 -8.63 1.99
N ILE D 163 -27.69 -8.61 0.85
CA ILE D 163 -27.56 -7.53 -0.11
C ILE D 163 -28.89 -6.80 -0.21
N ALA D 164 -28.92 -5.58 0.31
CA ALA D 164 -30.17 -4.82 0.39
C ALA D 164 -30.62 -4.34 -0.98
N TYR D 165 -29.66 -3.96 -1.83
CA TYR D 165 -29.99 -3.37 -3.12
C TYR D 165 -29.32 -4.13 -4.27
N VAL D 166 -30.13 -4.76 -5.10
CA VAL D 166 -29.64 -5.47 -6.26
C VAL D 166 -30.16 -4.84 -7.54
N GLY D 167 -29.26 -4.37 -8.39
CA GLY D 167 -29.65 -3.82 -9.68
C GLY D 167 -30.32 -4.84 -10.58
N PHE D 168 -29.56 -5.85 -10.98
CA PHE D 168 -30.03 -6.86 -11.91
C PHE D 168 -29.68 -8.28 -11.47
N ASP D 169 -30.65 -9.19 -11.56
CA ASP D 169 -30.34 -10.60 -11.40
C ASP D 169 -30.08 -11.21 -12.78
N ILE D 170 -28.81 -11.54 -13.04
CA ILE D 170 -28.39 -12.01 -14.35
C ILE D 170 -28.04 -13.50 -14.31
N PRO D 171 -28.06 -14.16 -15.49
CA PRO D 171 -27.58 -15.54 -15.57
C PRO D 171 -26.05 -15.62 -15.43
N ASN D 172 -25.54 -16.85 -15.32
CA ASN D 172 -24.11 -17.05 -15.09
C ASN D 172 -23.29 -16.93 -16.37
N ASP D 173 -23.64 -15.99 -17.22
CA ASP D 173 -22.87 -15.73 -18.43
C ASP D 173 -21.68 -14.85 -18.11
N PHE D 174 -20.53 -15.14 -18.71
CA PHE D 174 -19.40 -14.25 -18.53
C PHE D 174 -19.63 -12.97 -19.30
N VAL D 175 -19.78 -11.87 -18.57
CA VAL D 175 -20.10 -10.59 -19.17
C VAL D 175 -18.99 -9.57 -18.95
N VAL D 176 -18.94 -8.56 -19.82
CA VAL D 176 -18.00 -7.47 -19.70
C VAL D 176 -18.73 -6.17 -19.94
N GLY D 177 -18.06 -5.06 -19.65
CA GLY D 177 -18.67 -3.76 -19.88
C GLY D 177 -19.11 -3.11 -18.59
N TYR D 178 -19.21 -1.79 -18.63
CA TYR D 178 -19.61 -0.98 -17.50
C TYR D 178 -18.76 -1.31 -16.27
N GLY D 179 -17.45 -1.42 -16.49
CA GLY D 179 -16.52 -1.66 -15.40
C GLY D 179 -16.02 -3.09 -15.33
N LEU D 180 -16.82 -4.02 -15.86
CA LEU D 180 -16.47 -5.43 -15.91
C LEU D 180 -15.44 -5.70 -17.00
N ASP D 181 -14.45 -6.52 -16.69
CA ASP D 181 -13.35 -6.75 -17.61
C ASP D 181 -13.10 -8.21 -17.94
N TYR D 182 -12.39 -8.42 -19.04
CA TYR D 182 -11.58 -9.61 -19.22
C TYR D 182 -10.18 -9.15 -19.59
N ASP D 183 -9.22 -9.46 -18.72
CA ASP D 183 -7.83 -9.05 -18.90
C ASP D 183 -7.70 -7.54 -19.05
N GLU D 184 -8.43 -6.81 -18.21
CA GLU D 184 -8.39 -5.36 -18.11
C GLU D 184 -8.96 -4.62 -19.33
N ARG D 185 -9.59 -5.36 -20.23
CA ARG D 185 -10.23 -4.75 -21.38
C ARG D 185 -11.75 -4.70 -21.19
N TYR D 186 -12.43 -3.94 -22.05
CA TYR D 186 -13.91 -3.86 -22.10
C TYR D 186 -14.55 -3.12 -20.93
N ARG D 187 -13.74 -2.63 -19.98
CA ARG D 187 -14.28 -1.88 -18.84
C ARG D 187 -15.01 -0.61 -19.24
N ASP D 188 -14.63 -0.05 -20.39
CA ASP D 188 -15.11 1.27 -20.78
C ASP D 188 -16.46 1.25 -21.52
N LEU D 189 -16.95 0.07 -21.87
CA LEU D 189 -18.24 -0.05 -22.53
C LEU D 189 -19.37 0.51 -21.68
N SER D 190 -20.33 1.15 -22.33
CA SER D 190 -21.44 1.78 -21.61
C SER D 190 -22.56 0.79 -21.34
N TYR D 191 -22.47 -0.37 -21.99
CA TYR D 191 -23.46 -1.40 -21.80
C TYR D 191 -22.78 -2.65 -21.28
N ILE D 192 -23.58 -3.65 -20.93
CA ILE D 192 -23.05 -4.91 -20.45
C ILE D 192 -23.37 -6.00 -21.47
N GLY D 193 -22.33 -6.64 -21.98
CA GLY D 193 -22.50 -7.64 -23.02
C GLY D 193 -21.80 -8.94 -22.74
N THR D 194 -22.33 -10.01 -23.34
CA THR D 194 -21.72 -11.34 -23.24
C THR D 194 -20.50 -11.43 -24.14
N LEU D 195 -19.39 -11.84 -23.57
CA LEU D 195 -18.14 -11.94 -24.32
C LEU D 195 -18.10 -13.23 -25.12
N ASP D 196 -17.52 -13.15 -26.32
CA ASP D 196 -17.32 -14.32 -27.17
C ASP D 196 -16.29 -15.28 -26.55
N PRO D 197 -16.67 -16.55 -26.42
CA PRO D 197 -15.79 -17.64 -25.94
C PRO D 197 -14.41 -17.68 -26.62
N ARG D 198 -14.32 -17.16 -27.84
CA ARG D 198 -13.05 -17.03 -28.55
C ARG D 198 -12.04 -16.20 -27.78
N VAL D 199 -12.52 -15.09 -27.20
CA VAL D 199 -11.67 -14.17 -26.49
C VAL D 199 -10.98 -14.80 -25.27
N TYR D 200 -11.74 -15.47 -24.43
CA TYR D 200 -11.19 -15.97 -23.16
C TYR D 200 -10.90 -17.47 -23.16
N GLN D 201 -10.63 -18.02 -24.34
CA GLN D 201 -10.37 -19.46 -24.44
C GLN D 201 -9.00 -19.83 -23.87
MG MG E . 5.01 -2.18 18.34
MG MG F . 7.22 5.40 17.84
OAG 3QG G . 2.39 7.97 16.67
PBG 3QG G . 1.55 6.62 16.50
OAH 3QG G . 1.23 6.44 14.93
OAC 3QG G . 0.28 6.60 17.24
CAU 3QG G . 2.64 5.23 16.89
CAQ 3QG G . 2.03 3.84 16.53
NBD 3QG G . 2.81 2.60 16.80
CAR 3QG G . 4.27 2.78 16.78
CAV 3QG G . 4.90 2.76 15.37
PBH 3QG G . 6.68 2.42 15.40
OAI 3QG G . 7.17 2.94 13.97
OAJ 3QG G . 7.29 3.49 16.45
OAD 3QG G . 7.03 1.01 15.69
CAN 3QG G . 2.26 1.92 18.00
CAM 3QG G . 3.17 1.56 19.19
NBC 3QG G . 2.84 2.30 20.41
CAP 3QG G . 1.56 1.79 20.91
CAT 3QG G . 1.63 0.38 21.51
PBF 3QG G . 0.07 0.15 22.38
OAE 3QG G . 0.27 -1.12 23.34
OAF 3QG G . -0.10 1.48 23.28
OAB 3QG G . -1.03 -0.02 21.41
CAO 3QG G . 3.93 2.19 21.41
CAS 3QG G . 4.22 3.59 21.96
N9 3QG G . 4.95 3.61 23.24
C4 3QG G . 6.26 3.83 23.34
N3 3QG G . 7.18 4.07 22.37
C2 3QG G . 8.54 4.27 22.69
N1 3QG G . 8.87 4.24 23.98
C6 3QG G . 7.89 4.00 24.98
O6 3QG G . 8.24 3.98 26.16
C5 3QG G . 6.59 3.81 24.63
N7 3QG G . 5.47 3.55 25.34
C8 3QG G . 4.46 3.44 24.47
MG MG H . 17.81 -7.21 -1.55
MG MG I . 14.11 -14.69 -2.56
OAG 3QG J . 14.65 -9.64 -0.13
PBG 3QG J . 13.50 -10.61 -0.71
OAH 3QG J . 12.15 -10.36 0.14
OAC 3QG J . 13.85 -12.05 -0.69
CAU 3QG J . 13.07 -10.07 -2.38
CAQ 3QG J . 14.19 -10.42 -3.39
NBD 3QG J . 14.08 -10.02 -4.82
CAR 3QG J . 13.73 -11.12 -5.73
CAV 3QG J . 12.24 -11.16 -6.16
PBH 3QG J . 11.84 -12.70 -7.04
OAI 3QG J . 10.31 -12.96 -6.66
OAJ 3QG J . 11.80 -12.29 -8.60
OAD 3QG J . 12.75 -13.83 -6.73
CAN 3QG J . 15.26 -9.19 -5.18
CAM 3QG J . 16.70 -9.63 -4.81
NBC 3QG J . 17.27 -10.58 -5.77
CAP 3QG J . 17.80 -9.84 -6.93
CAT 3QG J . 19.12 -9.07 -6.68
PBF 3QG J . 19.62 -8.32 -8.25
OAE 3QG J . 21.06 -7.65 -8.03
OAF 3QG J . 19.76 -9.54 -9.29
OAB 3QG J . 18.61 -7.33 -8.67
CAO 3QG J . 18.29 -11.43 -5.10
CAS 3QG J . 18.28 -12.84 -5.72
N9 3QG J . 19.51 -13.60 -5.48
C4 3QG J . 19.67 -14.45 -4.45
N3 3QG J . 18.83 -14.81 -3.45
C2 3QG J . 19.23 -15.74 -2.47
N1 3QG J . 20.46 -16.26 -2.55
C6 3QG J . 21.32 -15.87 -3.62
O6 3QG J . 22.44 -16.37 -3.67
C5 3QG J . 20.91 -14.98 -4.56
N7 3QG J . 21.50 -14.44 -5.63
C8 3QG J . 20.62 -13.61 -6.19
MG MG K . -6.07 15.49 -8.80
MG MG L . -8.83 17.30 -1.63
OAG 3QG M . -1.43 17.88 0.10
PBG 3QG M . -2.58 16.78 -0.05
OAH 3QG M . -3.95 17.47 0.46
OAC 3QG M . -2.36 15.54 0.71
CAU 3QG M . -2.89 16.47 -1.81
CAQ 3QG M . -4.02 17.36 -2.40
NBD 3QG M . -4.98 16.77 -3.37
CAR 3QG M . -5.63 15.53 -2.90
CAV 3QG M . -6.28 14.68 -4.01
PBH 3QG M . -8.05 14.37 -3.72
OAI 3QG M . -8.63 14.15 -5.20
OAJ 3QG M . -8.12 12.91 -3.04
OAD 3QG M . -8.76 15.43 -2.95
CAN 3QG M . -4.33 16.74 -4.70
CAM 3QG M . -4.62 17.80 -5.79
NBC 3QG M . -4.47 19.19 -5.32
CAP 3QG M . -3.19 19.70 -5.86
CAT 3QG M . -3.28 20.27 -7.28
PBF 3QG M . -1.70 21.08 -7.62
OAE 3QG M . -1.67 21.44 -9.17
OAF 3QG M . -1.72 22.46 -6.79
OAB 3QG M . -0.59 20.18 -7.20
CAO 3QG M . -5.65 19.99 -5.75
CAS 3QG M . -6.21 20.85 -4.61
N9 3QG M . -7.05 21.96 -5.14
C4 3QG M . -8.38 21.99 -5.05
N3 3QG M . -9.25 21.11 -4.50
C2 3QG M . -10.65 21.37 -4.52
N1 3QG M . -11.07 22.48 -5.10
C6 3QG M . -10.13 23.39 -5.67
O6 3QG M . -10.56 24.42 -6.19
C5 3QG M . -8.81 23.12 -5.63
N7 3QG M . -7.73 23.77 -6.08
C8 3QG M . -6.65 23.04 -5.78
MG MG N . -16.10 -6.23 -7.56
MG MG O . -11.70 -8.67 -13.41
OAG 3QG P . -12.84 -5.18 -10.59
PBG 3QG P . -11.51 -6.04 -10.82
OAH 3QG P . -10.26 -5.02 -10.82
OAC 3QG P . -11.48 -6.82 -12.08
CAU 3QG P . -11.22 -7.06 -9.36
CAQ 3QG P . -11.55 -8.56 -9.59
NBD 3QG P . -11.95 -9.43 -8.45
CAR 3QG P . -10.98 -10.48 -8.08
CAV 3QG P . -9.98 -10.89 -9.18
PBH 3QG P . -8.68 -12.00 -8.56
OAI 3QG P . -7.61 -12.04 -9.76
OAJ 3QG P . -7.94 -11.19 -7.40
OAD 3QG P . -9.16 -13.34 -8.15
CAN 3QG P . -13.36 -9.85 -8.63
CAM 3QG P . -13.75 -11.35 -8.57
NBC 3QG P . -15.20 -11.62 -8.66
CAP 3QG P . -15.84 -11.15 -7.43
CAT 3QG P . -17.26 -11.73 -7.33
PBF 3QG P . -17.24 -13.08 -6.12
OAE 3QG P . -18.72 -13.08 -5.53
OAF 3QG P . -17.01 -14.44 -6.97
OAB 3QG P . -16.18 -12.84 -5.12
CAO 3QG P . -15.76 -11.00 -9.88
CAS 3QG P . -15.39 -11.83 -11.13
N9 3QG P . -16.52 -12.13 -12.03
C4 3QG P . -16.66 -11.59 -13.23
N3 3QG P . -15.88 -10.69 -13.88
C2 3QG P . -16.22 -10.24 -15.19
N1 3QG P . -17.34 -10.73 -15.74
C6 3QG P . -18.13 -11.66 -15.03
O6 3QG P . -19.15 -12.07 -15.59
C5 3QG P . -17.78 -12.08 -13.79
N7 3QG P . -18.32 -12.92 -12.90
C8 3QG P . -17.54 -12.95 -11.83
#